data_8ORN
#
_entry.id   8ORN
#
_cell.length_a   137.510
_cell.length_b   137.510
_cell.length_c   145.210
_cell.angle_alpha   90.00
_cell.angle_beta   90.00
_cell.angle_gamma   120.00
#
_symmetry.space_group_name_H-M   'H 3'
#
loop_
_entity.id
_entity.type
_entity.pdbx_description
1 polymer 'Outer-membrane lipoprotein carrier protein'
2 polymer 'Outer-membrane lipoprotein LolB'
3 non-polymer 'SULFATE ION'
4 water water
#
loop_
_entity_poly.entity_id
_entity_poly.type
_entity_poly.pdbx_seq_one_letter_code
_entity_poly.pdbx_strand_id
1 'polypeptide(L)'
;MAGARQELDTFTRGLKGLDGQFSQRVTDANGRVKENSSGRVALATPRQFRWEYAKPYKQLIVADGKKVWVFDPDLEQVTV
RAQGSEEQNSPLVALIDPTRLDKQYDVSEEAAPRDGLQWLSLTPKVDTDASFQMASLGFGKDGLAKMEVVDAVGQRTAIS
FSGWKRNPAFAADTFRYTPGKGVDVVGDAQAENLYFQSHHHHHH
;
A,C
2 'polypeptide(L)'
;MVSVPRGQGGAAPAVVGQVSESARQAEAARQAWLQAHPAWSFQGRVAISKGRDGGSGRLDWQQDGPRYHVQLSAPVTRQS
WVLTGDTTTGAGRLEGLDGGPRAGADAEQVLLEATGWTIPVNQMPDWVRALRIADAGAARVDLDEHGRPRTVQQDGWTID
FLEWTPASAAQPELPRRIEARNGDAKVRLLVDQWTLSPAENLYFQSHHHHHH
;
B,D
#
# COMPACT_ATOMS: atom_id res chain seq x y z
N GLY A 3 -37.45 -9.72 22.96
CA GLY A 3 -38.17 -9.31 21.76
C GLY A 3 -37.47 -8.25 20.92
N ALA A 4 -37.44 -8.48 19.62
CA ALA A 4 -36.71 -7.63 18.69
C ALA A 4 -37.61 -6.70 17.89
N ARG A 5 -38.87 -7.06 17.63
CA ARG A 5 -39.68 -6.13 16.86
C ARG A 5 -40.00 -4.91 17.71
N GLN A 6 -40.01 -5.07 19.03
CA GLN A 6 -40.11 -3.92 19.94
C GLN A 6 -39.06 -2.88 19.60
N GLU A 7 -37.82 -3.34 19.39
CA GLU A 7 -36.70 -2.42 19.20
C GLU A 7 -36.84 -1.64 17.90
N LEU A 8 -37.14 -2.34 16.81
CA LEU A 8 -37.32 -1.68 15.52
C LEU A 8 -38.36 -0.58 15.59
N ASP A 9 -39.44 -0.83 16.33
CA ASP A 9 -40.52 0.15 16.37
C ASP A 9 -40.20 1.28 17.35
N THR A 10 -39.56 0.98 18.47
CA THR A 10 -39.04 2.04 19.32
C THR A 10 -38.02 2.91 18.58
N PHE A 11 -37.19 2.27 17.74
CA PHE A 11 -36.12 2.99 17.06
C PHE A 11 -36.67 3.89 15.96
N THR A 12 -37.48 3.33 15.07
CA THR A 12 -38.07 4.09 13.97
C THR A 12 -39.36 4.79 14.38
N ARG A 13 -39.61 4.93 15.68
CA ARG A 13 -40.75 5.67 16.22
C ARG A 13 -40.56 7.16 15.92
N GLY A 14 -41.40 7.71 15.04
CA GLY A 14 -41.32 9.11 14.71
C GLY A 14 -40.02 9.52 14.01
N LEU A 15 -39.43 8.60 13.25
CA LEU A 15 -38.14 8.83 12.59
C LEU A 15 -38.34 9.42 11.20
N LYS A 16 -37.85 10.64 10.98
CA LYS A 16 -37.84 11.28 9.67
C LYS A 16 -36.45 11.30 9.05
N GLY A 17 -35.41 11.50 9.86
CA GLY A 17 -34.05 11.45 9.39
C GLY A 17 -33.19 10.64 10.34
N LEU A 18 -32.00 10.26 9.85
CA LEU A 18 -31.03 9.50 10.62
C LEU A 18 -29.65 9.86 10.12
N ASP A 19 -28.71 10.12 11.04
CA ASP A 19 -27.32 10.35 10.68
C ASP A 19 -26.41 9.65 11.68
N GLY A 20 -25.44 8.90 11.18
CA GLY A 20 -24.50 8.21 12.05
C GLY A 20 -23.29 7.72 11.28
N GLN A 21 -22.46 6.92 11.97
CA GLN A 21 -21.24 6.35 11.43
C GLN A 21 -21.37 4.84 11.28
N PHE A 22 -20.53 4.27 10.41
CA PHE A 22 -20.57 2.83 10.20
C PHE A 22 -19.16 2.31 10.07
N SER A 23 -19.03 1.01 10.29
CA SER A 23 -17.86 0.23 9.91
C SER A 23 -18.36 -1.03 9.22
N GLN A 24 -17.62 -1.48 8.21
CA GLN A 24 -18.07 -2.56 7.35
C GLN A 24 -16.98 -3.63 7.26
N ARG A 25 -17.34 -4.88 7.51
CA ARG A 25 -16.42 -6.00 7.37
CA ARG A 25 -16.39 -5.98 7.33
C ARG A 25 -17.04 -7.01 6.43
N VAL A 26 -16.37 -7.32 5.34
CA VAL A 26 -16.78 -8.36 4.41
C VAL A 26 -15.98 -9.59 4.76
N THR A 27 -16.69 -10.70 4.98
CA THR A 27 -16.01 -11.92 5.46
C THR A 27 -16.33 -13.09 4.54
N ASP A 28 -15.45 -14.09 4.57
CA ASP A 28 -15.66 -15.32 3.77
C ASP A 28 -16.31 -16.35 4.68
N ALA A 29 -16.57 -17.53 4.14
CA ALA A 29 -17.38 -18.55 4.84
C ALA A 29 -16.84 -18.76 6.25
N ASN A 30 -15.52 -18.71 6.43
CA ASN A 30 -14.96 -19.03 7.73
C ASN A 30 -14.77 -17.79 8.61
N GLY A 31 -15.42 -16.68 8.28
CA GLY A 31 -15.32 -15.50 9.11
C GLY A 31 -14.05 -14.67 8.97
N ARG A 32 -13.16 -15.00 8.03
CA ARG A 32 -11.97 -14.17 7.88
C ARG A 32 -12.34 -12.91 7.13
N VAL A 33 -11.94 -11.75 7.67
CA VAL A 33 -12.21 -10.46 7.05
C VAL A 33 -11.41 -10.34 5.76
N LYS A 34 -12.09 -9.99 4.68
CA LYS A 34 -11.51 -9.84 3.35
C LYS A 34 -11.51 -8.40 2.88
N GLU A 35 -12.28 -7.53 3.54
CA GLU A 35 -12.44 -6.12 3.18
C GLU A 35 -13.04 -5.41 4.38
N ASN A 36 -12.48 -4.27 4.74
CA ASN A 36 -12.90 -3.52 5.91
C ASN A 36 -12.76 -2.03 5.64
N SER A 37 -13.80 -1.28 6.00
CA SER A 37 -13.88 0.13 5.68
C SER A 37 -14.84 0.75 6.67
N SER A 38 -14.90 2.09 6.65
CA SER A 38 -15.72 2.83 7.60
C SER A 38 -16.09 4.18 7.00
N GLY A 39 -17.10 4.82 7.59
CA GLY A 39 -17.49 6.13 7.12
C GLY A 39 -18.79 6.59 7.74
N ARG A 40 -19.55 7.35 6.96
CA ARG A 40 -20.77 8.01 7.43
C ARG A 40 -21.96 7.55 6.59
N VAL A 41 -23.11 7.43 7.24
CA VAL A 41 -24.37 7.05 6.60
C VAL A 41 -25.48 8.01 7.06
N ALA A 42 -26.29 8.48 6.10
CA ALA A 42 -27.40 9.37 6.42
C ALA A 42 -28.65 8.89 5.69
N LEU A 43 -29.81 9.07 6.34
CA LEU A 43 -31.09 8.60 5.84
C LEU A 43 -32.14 9.68 6.04
N ALA A 44 -33.02 9.86 5.07
CA ALA A 44 -34.16 10.74 5.24
C ALA A 44 -35.33 10.27 4.39
N THR A 45 -36.52 10.35 4.99
CA THR A 45 -37.77 9.96 4.32
C THR A 45 -37.96 10.77 3.04
N PRO A 46 -38.64 10.20 2.03
CA PRO A 46 -39.01 8.80 2.10
C PRO A 46 -38.09 7.87 1.30
N ARG A 47 -37.10 8.42 0.59
CA ARG A 47 -36.29 7.56 -0.29
C ARG A 47 -34.89 8.16 -0.48
N GLN A 48 -34.37 8.82 0.55
CA GLN A 48 -33.07 9.49 0.38
C GLN A 48 -32.02 8.90 1.32
N PHE A 49 -30.90 8.43 0.78
CA PHE A 49 -29.80 7.98 1.64
C PHE A 49 -28.47 8.44 1.05
N ARG A 50 -27.42 8.26 1.86
CA ARG A 50 -26.07 8.69 1.54
C ARG A 50 -25.10 7.79 2.27
N TRP A 51 -24.28 7.06 1.53
CA TRP A 51 -23.21 6.22 2.07
C TRP A 51 -21.89 6.87 1.69
N GLU A 52 -21.21 7.43 2.67
CA GLU A 52 -19.96 8.16 2.53
C GLU A 52 -18.82 7.30 3.08
N TYR A 53 -18.15 6.52 2.22
CA TYR A 53 -16.94 5.81 2.66
C TYR A 53 -15.80 6.79 2.85
N ALA A 54 -15.13 6.69 4.00
CA ALA A 54 -14.02 7.56 4.34
C ALA A 54 -12.67 6.87 4.36
N LYS A 55 -12.60 5.65 4.88
CA LYS A 55 -11.37 4.87 4.97
C LYS A 55 -11.66 3.49 4.40
N PRO A 56 -10.69 2.85 3.73
CA PRO A 56 -9.37 3.40 3.39
C PRO A 56 -9.38 4.25 2.09
N TYR A 57 -10.43 4.18 1.28
CA TYR A 57 -10.57 5.10 0.15
C TYR A 57 -11.91 5.79 0.26
N LYS A 58 -12.02 6.93 -0.41
CA LYS A 58 -13.28 7.62 -0.46
C LYS A 58 -14.11 7.05 -1.61
N GLN A 59 -15.40 6.86 -1.34
CA GLN A 59 -16.40 6.49 -2.32
C GLN A 59 -17.70 7.07 -1.82
N LEU A 60 -18.50 7.63 -2.72
CA LEU A 60 -19.75 8.23 -2.31
C LEU A 60 -20.88 7.58 -3.09
N ILE A 61 -21.88 7.09 -2.37
CA ILE A 61 -23.14 6.61 -2.91
C ILE A 61 -24.25 7.51 -2.38
N VAL A 62 -25.08 8.04 -3.30
CA VAL A 62 -26.16 8.97 -2.94
C VAL A 62 -27.42 8.59 -3.71
N ALA A 63 -28.54 8.50 -2.99
CA ALA A 63 -29.84 8.27 -3.56
C ALA A 63 -30.65 9.54 -3.34
N ASP A 64 -30.86 10.32 -4.39
CA ASP A 64 -31.49 11.62 -4.21
C ASP A 64 -33.01 11.55 -4.24
N GLY A 65 -33.57 10.35 -4.37
CA GLY A 65 -35.00 10.18 -4.46
C GLY A 65 -35.42 9.79 -5.85
N LYS A 66 -34.72 10.33 -6.85
CA LYS A 66 -35.00 10.00 -8.25
C LYS A 66 -33.86 9.24 -8.93
N LYS A 67 -32.59 9.53 -8.62
CA LYS A 67 -31.46 8.79 -9.18
C LYS A 67 -30.50 8.36 -8.08
N VAL A 68 -29.80 7.26 -8.35
CA VAL A 68 -28.73 6.73 -7.48
C VAL A 68 -27.40 6.95 -8.18
N TRP A 69 -26.45 7.53 -7.46
CA TRP A 69 -25.12 7.85 -7.97
C TRP A 69 -24.06 7.11 -7.17
N VAL A 70 -23.13 6.47 -7.87
CA VAL A 70 -21.97 5.80 -7.29
C VAL A 70 -20.73 6.52 -7.79
N PHE A 71 -20.06 7.25 -6.91
CA PHE A 71 -18.95 8.13 -7.29
C PHE A 71 -17.67 7.63 -6.65
N ASP A 72 -16.66 7.38 -7.47
CA ASP A 72 -15.33 7.01 -7.00
C ASP A 72 -14.29 8.07 -7.38
N PRO A 73 -13.88 8.92 -6.44
CA PRO A 73 -13.02 10.05 -6.81
C PRO A 73 -11.69 9.63 -7.41
N ASP A 74 -11.06 8.59 -6.88
CA ASP A 74 -9.76 8.17 -7.38
C ASP A 74 -9.85 7.70 -8.83
N LEU A 75 -11.02 7.19 -9.23
CA LEU A 75 -11.24 6.72 -10.58
C LEU A 75 -11.88 7.77 -11.48
N GLU A 76 -12.26 8.93 -10.91
CA GLU A 76 -12.88 10.03 -11.63
C GLU A 76 -14.03 9.57 -12.52
N GLN A 77 -14.94 8.79 -11.94
CA GLN A 77 -16.12 8.32 -12.64
C GLN A 77 -17.27 8.21 -11.64
N VAL A 78 -18.48 8.51 -12.10
CA VAL A 78 -19.69 8.31 -11.32
C VAL A 78 -20.69 7.56 -12.18
N THR A 79 -21.29 6.53 -11.61
CA THR A 79 -22.36 5.78 -12.29
C THR A 79 -23.71 6.28 -11.81
N VAL A 80 -24.61 6.57 -12.75
CA VAL A 80 -25.93 7.06 -12.43
C VAL A 80 -26.95 6.08 -12.99
N ARG A 81 -28.02 5.87 -12.23
CA ARG A 81 -29.18 5.11 -12.68
C ARG A 81 -30.41 5.69 -11.99
N ALA A 82 -31.57 5.43 -12.57
CA ALA A 82 -32.82 5.84 -11.95
C ALA A 82 -33.04 5.03 -10.66
N GLN A 83 -33.62 5.68 -9.65
CA GLN A 83 -33.92 5.03 -8.38
C GLN A 83 -35.26 4.31 -8.51
N GLY A 84 -35.21 2.99 -8.58
CA GLY A 84 -36.43 2.20 -8.68
C GLY A 84 -36.94 1.78 -7.32
N SER A 85 -36.85 0.50 -7.01
CA SER A 85 -37.20 -0.02 -5.69
C SER A 85 -35.89 -0.36 -4.99
N GLU A 86 -35.40 0.59 -4.19
CA GLU A 86 -34.14 0.47 -3.49
C GLU A 86 -34.28 -0.14 -2.11
N GLU A 87 -35.45 -0.69 -1.79
CA GLU A 87 -35.61 -1.39 -0.51
C GLU A 87 -35.13 -2.82 -0.58
N GLN A 88 -34.93 -3.38 -1.78
CA GLN A 88 -34.35 -4.71 -1.99
C GLN A 88 -32.88 -4.66 -2.40
N ASN A 89 -32.23 -3.51 -2.26
CA ASN A 89 -30.78 -3.39 -2.36
C ASN A 89 -30.15 -2.95 -1.06
N SER A 90 -30.88 -2.20 -0.23
CA SER A 90 -30.53 -1.85 1.14
C SER A 90 -31.82 -1.64 1.95
N PRO A 91 -32.14 -2.57 2.85
CA PRO A 91 -33.31 -2.37 3.72
C PRO A 91 -33.17 -1.22 4.68
N LEU A 92 -32.00 -0.59 4.75
CA LEU A 92 -31.77 0.51 5.68
C LEU A 92 -32.72 1.67 5.42
N VAL A 93 -33.18 1.81 4.18
CA VAL A 93 -34.16 2.88 3.88
C VAL A 93 -35.53 2.44 4.40
N ALA A 94 -35.74 1.13 4.50
CA ALA A 94 -37.04 0.62 4.98
C ALA A 94 -37.18 0.90 6.48
N LEU A 95 -36.19 1.56 7.07
CA LEU A 95 -36.30 1.95 8.48
C LEU A 95 -37.12 3.25 8.57
N ILE A 96 -36.76 4.26 7.78
CA ILE A 96 -37.47 5.53 7.87
C ILE A 96 -38.94 5.37 7.50
N ASP A 97 -39.30 4.30 6.80
CA ASP A 97 -40.69 3.92 6.54
C ASP A 97 -40.85 2.48 6.99
N PRO A 98 -41.12 2.24 8.27
CA PRO A 98 -41.11 0.87 8.79
C PRO A 98 -42.17 -0.04 8.17
N THR A 99 -43.25 0.52 7.61
CA THR A 99 -44.27 -0.32 6.99
C THR A 99 -43.73 -1.06 5.77
N ARG A 100 -42.68 -0.54 5.12
CA ARG A 100 -42.16 -1.19 3.91
C ARG A 100 -41.62 -2.58 4.20
N LEU A 101 -40.97 -2.76 5.35
CA LEU A 101 -40.25 -4.00 5.64
C LEU A 101 -41.12 -5.23 5.40
N ASP A 102 -42.33 -5.23 5.95
CA ASP A 102 -43.20 -6.39 5.83
C ASP A 102 -43.75 -6.58 4.42
N LYS A 103 -43.53 -5.62 3.51
CA LYS A 103 -44.08 -5.70 2.16
C LYS A 103 -43.19 -6.50 1.21
N GLN A 104 -41.90 -6.17 1.11
CA GLN A 104 -41.00 -6.94 0.26
C GLN A 104 -40.27 -8.05 1.00
N TYR A 105 -40.23 -8.02 2.33
CA TYR A 105 -39.48 -8.99 3.11
C TYR A 105 -40.42 -9.82 3.97
N ASP A 106 -40.31 -11.13 3.84
CA ASP A 106 -40.96 -11.99 4.83
C ASP A 106 -40.18 -11.86 6.13
N VAL A 107 -40.56 -10.86 6.93
CA VAL A 107 -39.87 -10.59 8.19
C VAL A 107 -40.08 -11.75 9.15
N SER A 108 -39.05 -12.04 9.95
CA SER A 108 -39.13 -13.12 10.92
C SER A 108 -38.12 -12.85 12.03
N GLU A 109 -38.55 -12.99 13.27
CA GLU A 109 -37.75 -12.65 14.43
C GLU A 109 -37.01 -13.88 14.93
N GLU A 110 -35.68 -13.82 14.97
CA GLU A 110 -34.90 -14.90 15.55
C GLU A 110 -35.13 -14.96 17.05
N ALA A 111 -35.03 -16.17 17.60
CA ALA A 111 -35.23 -16.36 19.03
C ALA A 111 -33.93 -16.26 19.81
N ALA A 112 -32.86 -16.83 19.28
CA ALA A 112 -31.57 -16.79 19.94
C ALA A 112 -30.91 -15.42 19.73
N PRO A 113 -30.63 -14.67 20.80
CA PRO A 113 -29.81 -13.46 20.65
C PRO A 113 -28.38 -13.80 20.22
N ARG A 114 -27.82 -12.98 19.32
CA ARG A 114 -26.49 -13.18 18.79
C ARG A 114 -25.67 -11.90 18.87
N ASP A 115 -24.35 -12.07 18.99
CA ASP A 115 -23.40 -10.95 19.03
C ASP A 115 -23.74 -9.94 20.11
N GLY A 116 -24.61 -10.33 21.06
CA GLY A 116 -25.17 -9.41 22.03
C GLY A 116 -26.41 -8.68 21.59
N LEU A 117 -27.08 -9.13 20.52
CA LEU A 117 -28.15 -8.37 19.87
C LEU A 117 -29.37 -9.26 19.62
N GLN A 118 -30.52 -8.61 19.48
CA GLN A 118 -31.77 -9.25 19.09
C GLN A 118 -31.98 -9.01 17.60
N TRP A 119 -32.18 -10.09 16.84
CA TRP A 119 -32.12 -10.02 15.40
C TRP A 119 -33.50 -10.19 14.76
N LEU A 120 -33.64 -9.61 13.57
CA LEU A 120 -34.76 -9.86 12.67
C LEU A 120 -34.19 -10.43 11.39
N SER A 121 -34.73 -11.54 10.93
CA SER A 121 -34.34 -12.10 9.64
C SER A 121 -35.23 -11.50 8.56
N LEU A 122 -34.61 -10.89 7.57
CA LEU A 122 -35.32 -10.27 6.45
C LEU A 122 -35.17 -11.22 5.26
N THR A 123 -36.13 -12.11 5.11
CA THR A 123 -36.10 -13.04 4.00
C THR A 123 -36.75 -12.38 2.79
N PRO A 124 -36.11 -12.39 1.63
CA PRO A 124 -36.63 -11.60 0.50
C PRO A 124 -37.70 -12.33 -0.32
N LYS A 125 -38.79 -11.62 -0.58
CA LYS A 125 -39.81 -12.06 -1.53
C LYS A 125 -39.63 -11.40 -2.88
N VAL A 126 -39.44 -10.08 -2.91
CA VAL A 126 -39.21 -9.36 -4.16
C VAL A 126 -37.77 -9.59 -4.64
N ASP A 127 -37.56 -9.43 -5.93
CA ASP A 127 -36.24 -9.64 -6.52
C ASP A 127 -35.55 -8.31 -6.84
N SER A 131 -30.40 -8.00 -5.88
CA SER A 131 -30.69 -7.99 -4.45
C SER A 131 -29.65 -8.77 -3.65
N PHE A 132 -30.13 -9.60 -2.73
CA PHE A 132 -29.30 -10.45 -1.89
C PHE A 132 -30.07 -11.73 -1.62
N GLN A 133 -29.43 -12.67 -0.93
CA GLN A 133 -30.11 -13.90 -0.54
C GLN A 133 -30.86 -13.75 0.78
N MET A 134 -30.33 -12.97 1.71
CA MET A 134 -30.97 -12.80 3.02
C MET A 134 -30.25 -11.70 3.78
N ALA A 135 -31.04 -10.83 4.43
CA ALA A 135 -30.55 -9.81 5.35
C ALA A 135 -30.85 -10.22 6.78
N SER A 136 -30.35 -9.41 7.72
CA SER A 136 -30.65 -9.59 9.14
C SER A 136 -30.30 -8.29 9.84
N LEU A 137 -31.22 -7.78 10.65
CA LEU A 137 -31.03 -6.54 11.39
C LEU A 137 -30.86 -6.87 12.85
N GLY A 138 -29.78 -6.34 13.45
CA GLY A 138 -29.44 -6.60 14.83
C GLY A 138 -29.63 -5.35 15.68
N PHE A 139 -30.44 -5.49 16.73
CA PHE A 139 -30.81 -4.37 17.59
C PHE A 139 -30.22 -4.57 18.98
N GLY A 140 -29.68 -3.48 19.54
CA GLY A 140 -29.15 -3.46 20.89
C GLY A 140 -29.68 -2.27 21.69
N LYS A 141 -28.91 -1.83 22.69
CA LYS A 141 -29.41 -0.85 23.65
C LYS A 141 -29.68 0.50 23.01
N ASP A 142 -28.90 0.89 22.00
CA ASP A 142 -29.05 2.20 21.38
C ASP A 142 -29.76 2.14 20.03
N GLY A 143 -30.38 1.01 19.69
CA GLY A 143 -31.17 0.89 18.49
C GLY A 143 -30.53 -0.09 17.52
N LEU A 144 -30.64 0.21 16.23
CA LEU A 144 -30.02 -0.61 15.21
C LEU A 144 -28.51 -0.55 15.42
N ALA A 145 -27.90 -1.71 15.59
CA ALA A 145 -26.47 -1.81 15.78
C ALA A 145 -25.75 -2.51 14.65
N LYS A 146 -26.41 -3.42 13.95
CA LYS A 146 -25.73 -4.21 12.94
C LYS A 146 -26.71 -4.50 11.82
N MET A 147 -26.17 -4.66 10.62
CA MET A 147 -26.90 -5.20 9.48
C MET A 147 -26.00 -6.21 8.78
N GLU A 148 -26.55 -7.35 8.37
CA GLU A 148 -25.77 -8.39 7.71
C GLU A 148 -26.48 -8.85 6.44
N VAL A 149 -25.74 -8.95 5.34
CA VAL A 149 -26.30 -9.44 4.07
C VAL A 149 -25.37 -10.49 3.47
N VAL A 150 -25.96 -11.57 2.96
CA VAL A 150 -25.23 -12.65 2.32
C VAL A 150 -25.67 -12.70 0.86
N ASP A 151 -24.71 -12.78 -0.07
CA ASP A 151 -25.04 -12.82 -1.49
C ASP A 151 -25.07 -14.28 -1.99
N ALA A 152 -25.17 -14.45 -3.31
CA ALA A 152 -25.36 -15.77 -3.89
C ALA A 152 -24.11 -16.64 -3.84
N VAL A 153 -22.91 -16.04 -3.75
CA VAL A 153 -21.68 -16.83 -3.70
C VAL A 153 -21.11 -16.86 -2.27
N GLY A 154 -22.00 -16.82 -1.27
CA GLY A 154 -21.61 -17.02 0.12
C GLY A 154 -20.84 -15.89 0.78
N GLN A 155 -20.67 -14.74 0.14
CA GLN A 155 -19.89 -13.67 0.74
C GLN A 155 -20.80 -12.80 1.61
N ARG A 156 -20.43 -12.61 2.87
CA ARG A 156 -21.22 -11.85 3.82
C ARG A 156 -20.59 -10.49 4.11
N THR A 157 -21.45 -9.47 4.17
CA THR A 157 -21.09 -8.09 4.52
C THR A 157 -21.74 -7.76 5.85
N ALA A 158 -20.94 -7.44 6.85
CA ALA A 158 -21.45 -7.09 8.18
C ALA A 158 -21.18 -5.61 8.41
N ILE A 159 -22.25 -4.84 8.63
CA ILE A 159 -22.17 -3.40 8.81
C ILE A 159 -22.61 -3.06 10.23
N SER A 160 -21.73 -2.40 10.98
CA SER A 160 -22.00 -1.95 12.33
C SER A 160 -22.20 -0.45 12.35
N PHE A 161 -22.90 0.05 13.37
CA PHE A 161 -23.35 1.43 13.45
C PHE A 161 -23.06 2.01 14.82
N SER A 162 -22.89 3.33 14.87
CA SER A 162 -22.63 4.04 16.12
C SER A 162 -22.84 5.53 15.91
N GLY A 163 -23.17 6.24 16.99
CA GLY A 163 -23.31 7.68 16.90
C GLY A 163 -24.58 8.13 16.22
N TRP A 164 -25.64 7.33 16.31
CA TRP A 164 -26.90 7.70 15.66
C TRP A 164 -27.37 9.04 16.18
N LYS A 165 -27.69 9.95 15.26
CA LYS A 165 -28.31 11.22 15.60
C LYS A 165 -29.73 11.20 15.04
N ARG A 166 -30.71 11.41 15.90
CA ARG A 166 -32.11 11.33 15.50
C ARG A 166 -32.56 12.66 14.90
N ASN A 167 -33.40 12.56 13.87
CA ASN A 167 -33.99 13.62 13.08
C ASN A 167 -33.27 14.94 12.80
N PRO A 168 -32.05 14.90 12.29
CA PRO A 168 -31.14 16.05 12.31
C PRO A 168 -31.51 17.12 11.28
N ALA A 169 -30.75 18.22 11.28
CA ALA A 169 -30.94 19.32 10.33
C ALA A 169 -29.93 19.15 9.22
N PHE A 170 -30.34 18.55 8.11
CA PHE A 170 -29.43 18.23 7.03
C PHE A 170 -29.11 19.46 6.18
N ALA A 171 -27.84 19.61 5.80
CA ALA A 171 -27.49 20.53 4.73
C ALA A 171 -28.26 20.16 3.46
N ALA A 172 -28.56 21.17 2.64
CA ALA A 172 -29.47 20.93 1.52
C ALA A 172 -28.83 20.18 0.35
N ASP A 173 -27.56 19.78 0.47
CA ASP A 173 -26.94 18.90 -0.52
C ASP A 173 -26.55 17.56 0.08
N THR A 174 -27.05 17.23 1.28
CA THR A 174 -26.71 15.95 1.89
C THR A 174 -27.05 14.81 0.95
N PHE A 175 -28.21 14.90 0.31
CA PHE A 175 -28.70 13.88 -0.61
C PHE A 175 -28.70 14.36 -2.06
N ARG A 176 -27.63 15.06 -2.46
CA ARG A 176 -27.45 15.47 -3.85
C ARG A 176 -26.04 15.14 -4.30
N TYR A 177 -25.89 14.75 -5.56
CA TYR A 177 -24.56 14.52 -6.14
C TYR A 177 -24.13 15.74 -6.93
N THR A 178 -23.00 16.32 -6.54
CA THR A 178 -22.41 17.50 -7.17
C THR A 178 -21.19 17.08 -7.97
N PRO A 179 -21.27 17.00 -9.30
CA PRO A 179 -20.10 16.56 -10.07
C PRO A 179 -18.95 17.55 -9.91
N GLY A 180 -17.73 17.01 -9.91
CA GLY A 180 -16.52 17.80 -9.98
C GLY A 180 -16.00 17.81 -11.40
N LYS A 181 -15.14 18.79 -11.71
CA LYS A 181 -14.65 18.93 -13.07
C LYS A 181 -13.79 17.74 -13.45
N GLY A 182 -13.89 17.29 -14.70
CA GLY A 182 -13.13 16.17 -15.18
C GLY A 182 -13.79 14.82 -15.02
N VAL A 183 -14.87 14.70 -14.24
CA VAL A 183 -15.39 13.38 -13.91
C VAL A 183 -16.22 12.84 -15.07
N ASP A 184 -16.01 11.55 -15.39
CA ASP A 184 -16.86 10.85 -16.36
C ASP A 184 -18.17 10.41 -15.71
N VAL A 185 -19.29 10.77 -16.35
CA VAL A 185 -20.62 10.39 -15.93
C VAL A 185 -21.14 9.33 -16.87
N VAL A 186 -21.39 8.12 -16.36
CA VAL A 186 -21.84 7.03 -17.21
C VAL A 186 -23.15 6.48 -16.68
N GLY A 187 -23.91 5.89 -17.57
CA GLY A 187 -25.06 5.13 -17.16
C GLY A 187 -24.66 3.76 -16.62
N ASP A 188 -25.67 3.02 -16.15
CA ASP A 188 -25.46 1.72 -15.57
C ASP A 188 -25.56 0.69 -16.68
N ALA A 189 -24.49 -0.05 -16.92
CA ALA A 189 -24.46 -1.00 -18.01
C ALA A 189 -25.20 -2.30 -17.63
N GLN A 190 -25.77 -2.95 -18.65
CA GLN A 190 -26.49 -4.23 -18.48
C GLN A 190 -26.21 -5.23 -19.62
N VAL B 19 18.52 3.74 -24.23
CA VAL B 19 18.20 3.28 -22.88
C VAL B 19 19.48 3.12 -22.08
N SER B 20 19.42 3.45 -20.79
CA SER B 20 20.55 3.22 -19.89
C SER B 20 20.82 1.73 -19.69
N GLU B 21 22.09 1.36 -19.56
CA GLU B 21 22.41 -0.06 -19.40
C GLU B 21 21.93 -0.58 -18.04
N SER B 22 22.01 0.24 -17.00
CA SER B 22 21.48 -0.18 -15.70
C SER B 22 19.95 -0.30 -15.76
N ALA B 23 19.29 0.60 -16.51
CA ALA B 23 17.84 0.49 -16.71
C ALA B 23 17.46 -0.72 -17.56
N ARG B 24 18.29 -1.05 -18.55
CA ARG B 24 18.03 -2.25 -19.34
C ARG B 24 18.05 -3.49 -18.44
N GLN B 25 19.07 -3.63 -17.59
CA GLN B 25 19.16 -4.81 -16.76
C GLN B 25 18.04 -4.84 -15.71
N ALA B 26 17.64 -3.68 -15.19
CA ALA B 26 16.59 -3.66 -14.17
C ALA B 26 15.26 -4.11 -14.74
N GLU B 27 14.93 -3.68 -15.97
CA GLU B 27 13.68 -4.10 -16.58
C GLU B 27 13.70 -5.58 -16.95
N ALA B 28 14.88 -6.10 -17.35
CA ALA B 28 14.98 -7.53 -17.66
C ALA B 28 14.84 -8.39 -16.41
N ALA B 29 15.41 -7.94 -15.29
CA ALA B 29 15.28 -8.67 -14.04
C ALA B 29 13.88 -8.56 -13.46
N ARG B 30 13.20 -7.40 -13.66
CA ARG B 30 11.80 -7.27 -13.25
C ARG B 30 10.92 -8.30 -13.95
N GLN B 31 11.03 -8.39 -15.29
CA GLN B 31 10.20 -9.33 -16.04
C GLN B 31 10.57 -10.78 -15.74
N ALA B 32 11.86 -11.12 -15.70
CA ALA B 32 12.24 -12.49 -15.40
C ALA B 32 11.77 -12.91 -14.01
N TRP B 33 11.86 -12.02 -13.03
CA TRP B 33 11.34 -12.37 -11.71
C TRP B 33 9.83 -12.64 -11.75
N LEU B 34 9.07 -11.76 -12.40
CA LEU B 34 7.63 -11.96 -12.46
C LEU B 34 7.28 -13.23 -13.25
N GLN B 35 7.92 -13.45 -14.40
CA GLN B 35 7.63 -14.65 -15.19
C GLN B 35 7.99 -15.93 -14.45
N ALA B 36 8.95 -15.88 -13.54
CA ALA B 36 9.32 -17.02 -12.71
C ALA B 36 8.43 -17.20 -11.48
N HIS B 37 7.41 -16.37 -11.27
CA HIS B 37 6.53 -16.49 -10.09
C HIS B 37 5.08 -16.35 -10.51
N PRO B 38 4.51 -17.39 -11.09
CA PRO B 38 3.23 -17.25 -11.80
C PRO B 38 1.99 -17.35 -10.91
N ALA B 39 2.14 -17.47 -9.60
CA ALA B 39 1.01 -17.47 -8.68
C ALA B 39 1.06 -16.17 -7.89
N TRP B 40 -0.02 -15.39 -7.97
CA TRP B 40 -0.03 -14.09 -7.32
C TRP B 40 -1.46 -13.60 -7.27
N SER B 41 -1.68 -12.50 -6.55
CA SER B 41 -3.01 -11.92 -6.58
C SER B 41 -2.91 -10.43 -6.33
N PHE B 42 -3.99 -9.70 -6.64
CA PHE B 42 -4.08 -8.30 -6.24
C PHE B 42 -5.51 -7.98 -5.84
N GLN B 43 -5.67 -6.88 -5.11
CA GLN B 43 -6.95 -6.27 -4.84
C GLN B 43 -6.94 -4.82 -5.30
N GLY B 44 -8.01 -4.37 -5.96
CA GLY B 44 -8.08 -2.95 -6.33
C GLY B 44 -9.47 -2.51 -6.72
N ARG B 45 -9.54 -1.40 -7.46
CA ARG B 45 -10.82 -0.82 -7.84
C ARG B 45 -10.81 -0.54 -9.33
N VAL B 46 -11.96 -0.77 -9.98
CA VAL B 46 -12.07 -0.73 -11.43
C VAL B 46 -13.27 0.11 -11.83
N ALA B 47 -13.13 0.82 -12.93
CA ALA B 47 -14.21 1.56 -13.57
C ALA B 47 -14.19 1.23 -15.06
N ILE B 48 -15.31 0.70 -15.54
CA ILE B 48 -15.48 0.22 -16.91
C ILE B 48 -16.32 1.23 -17.68
N SER B 49 -16.02 1.37 -18.96
CA SER B 49 -16.85 2.24 -19.77
C SER B 49 -16.82 1.80 -21.22
N LYS B 50 -17.99 1.81 -21.86
CA LYS B 50 -18.11 1.67 -23.30
C LYS B 50 -19.24 2.58 -23.75
N GLY B 51 -18.95 3.51 -24.65
CA GLY B 51 -19.96 4.50 -25.02
C GLY B 51 -20.30 5.35 -23.81
N ARG B 52 -21.59 5.41 -23.47
CA ARG B 52 -22.05 6.28 -22.38
C ARG B 52 -22.44 5.49 -21.13
N ASP B 53 -22.22 4.17 -21.13
CA ASP B 53 -22.58 3.32 -20.01
C ASP B 53 -21.33 2.62 -19.47
N GLY B 54 -21.46 2.04 -18.28
CA GLY B 54 -20.30 1.45 -17.62
C GLY B 54 -20.61 1.07 -16.20
N GLY B 55 -19.56 1.03 -15.38
CA GLY B 55 -19.71 0.62 -14.00
C GLY B 55 -18.38 0.63 -13.27
N SER B 56 -18.46 0.25 -11.99
CA SER B 56 -17.28 0.29 -11.15
C SER B 56 -17.50 -0.72 -10.05
N GLY B 57 -16.41 -1.12 -9.39
CA GLY B 57 -16.53 -1.97 -8.22
C GLY B 57 -15.16 -2.38 -7.73
N ARG B 58 -15.17 -3.10 -6.61
CA ARG B 58 -13.93 -3.57 -6.01
C ARG B 58 -13.56 -4.93 -6.60
N LEU B 59 -12.29 -5.09 -6.95
CA LEU B 59 -11.81 -6.25 -7.68
C LEU B 59 -10.84 -7.02 -6.81
N ASP B 60 -11.05 -8.34 -6.69
CA ASP B 60 -10.01 -9.24 -6.17
C ASP B 60 -9.63 -10.20 -7.30
N TRP B 61 -8.34 -10.24 -7.64
CA TRP B 61 -7.87 -11.03 -8.78
C TRP B 61 -6.84 -12.02 -8.26
N GLN B 62 -7.12 -13.32 -8.36
CA GLN B 62 -6.14 -14.35 -7.98
C GLN B 62 -5.71 -15.11 -9.23
N GLN B 63 -4.41 -15.26 -9.40
CA GLN B 63 -3.85 -15.92 -10.57
C GLN B 63 -3.00 -17.10 -10.10
N ASP B 64 -3.10 -18.20 -10.82
CA ASP B 64 -2.31 -19.40 -10.53
C ASP B 64 -1.87 -19.92 -11.90
N GLY B 65 -0.71 -19.48 -12.38
CA GLY B 65 -0.34 -19.75 -13.75
C GLY B 65 -1.36 -19.19 -14.72
N PRO B 66 -1.88 -20.02 -15.64
CA PRO B 66 -2.92 -19.52 -16.54
C PRO B 66 -4.30 -19.41 -15.91
N ARG B 67 -4.49 -19.84 -14.66
CA ARG B 67 -5.82 -19.89 -14.04
C ARG B 67 -6.10 -18.62 -13.28
N TYR B 68 -7.28 -18.02 -13.50
CA TYR B 68 -7.67 -16.83 -12.76
C TYR B 68 -9.00 -17.03 -12.04
N HIS B 69 -9.10 -16.35 -10.90
CA HIS B 69 -10.31 -16.33 -10.07
C HIS B 69 -10.55 -14.87 -9.70
N VAL B 70 -11.60 -14.29 -10.27
CA VAL B 70 -11.82 -12.85 -10.22
C VAL B 70 -13.15 -12.56 -9.52
N GLN B 71 -13.10 -11.82 -8.42
CA GLN B 71 -14.33 -11.48 -7.72
C GLN B 71 -14.55 -9.98 -7.79
N LEU B 72 -15.72 -9.58 -8.24
CA LEU B 72 -16.08 -8.17 -8.28
C LEU B 72 -17.19 -7.95 -7.27
N SER B 73 -16.95 -7.11 -6.28
CA SER B 73 -17.94 -6.79 -5.26
C SER B 73 -18.60 -5.46 -5.59
N ALA B 74 -19.90 -5.48 -5.82
CA ALA B 74 -20.59 -4.31 -6.30
C ALA B 74 -20.89 -3.36 -5.15
N PRO B 75 -21.06 -2.04 -5.40
CA PRO B 75 -21.24 -1.05 -4.32
C PRO B 75 -22.58 -0.96 -3.58
N VAL B 76 -23.68 -0.67 -4.28
CA VAL B 76 -25.00 -0.53 -3.59
C VAL B 76 -25.74 -1.86 -3.65
N THR B 77 -25.69 -2.53 -4.80
CA THR B 77 -26.33 -3.85 -4.94
C THR B 77 -25.79 -4.77 -3.83
N ARG B 78 -24.51 -4.62 -3.49
CA ARG B 78 -23.86 -5.48 -2.47
C ARG B 78 -23.60 -6.86 -3.09
N GLN B 79 -23.98 -7.05 -4.35
CA GLN B 79 -23.87 -8.39 -4.98
C GLN B 79 -22.56 -8.56 -5.74
N SER B 80 -21.74 -9.53 -5.33
CA SER B 80 -20.51 -9.83 -6.05
C SER B 80 -20.77 -10.92 -7.10
N TRP B 81 -19.98 -10.89 -8.18
CA TRP B 81 -19.90 -12.03 -9.09
C TRP B 81 -18.47 -12.57 -9.09
N VAL B 82 -18.33 -13.81 -9.55
CA VAL B 82 -17.04 -14.51 -9.53
C VAL B 82 -16.82 -15.10 -10.93
N LEU B 83 -15.80 -14.62 -11.62
CA LEU B 83 -15.42 -15.18 -12.91
C LEU B 83 -14.20 -16.07 -12.71
N THR B 84 -14.27 -17.29 -13.25
CA THR B 84 -13.12 -18.19 -13.24
C THR B 84 -12.82 -18.62 -14.68
N GLY B 85 -11.56 -18.55 -15.10
CA GLY B 85 -11.22 -18.98 -16.43
C GLY B 85 -9.76 -19.41 -16.56
N ASP B 86 -9.33 -19.64 -17.78
CA ASP B 86 -8.03 -20.26 -18.06
C ASP B 86 -7.47 -19.65 -19.34
N THR B 87 -6.31 -18.99 -19.25
CA THR B 87 -5.81 -18.31 -20.45
C THR B 87 -5.32 -19.25 -21.54
N THR B 88 -5.12 -20.54 -21.26
CA THR B 88 -4.66 -21.42 -22.33
C THR B 88 -5.81 -21.89 -23.21
N THR B 89 -7.01 -21.99 -22.66
CA THR B 89 -8.21 -22.28 -23.46
C THR B 89 -9.00 -21.03 -23.80
N GLY B 90 -9.00 -20.03 -22.92
CA GLY B 90 -9.83 -18.86 -23.11
C GLY B 90 -11.22 -18.97 -22.52
N ALA B 91 -11.62 -20.17 -22.11
CA ALA B 91 -12.94 -20.37 -21.55
C ALA B 91 -13.03 -19.79 -20.14
N GLY B 92 -14.25 -19.41 -19.75
CA GLY B 92 -14.49 -18.95 -18.40
C GLY B 92 -15.91 -19.23 -17.99
N ARG B 93 -16.15 -19.19 -16.69
CA ARG B 93 -17.47 -19.41 -16.12
C ARG B 93 -17.75 -18.28 -15.13
N LEU B 94 -19.02 -17.89 -15.01
CA LEU B 94 -19.39 -16.71 -14.24
C LEU B 94 -20.54 -17.07 -13.31
N GLU B 95 -20.30 -16.99 -12.01
CA GLU B 95 -21.28 -17.35 -10.99
C GLU B 95 -21.69 -16.13 -10.17
N GLY B 96 -22.91 -16.21 -9.62
CA GLY B 96 -23.38 -15.27 -8.62
C GLY B 96 -24.51 -14.37 -9.07
N LEU B 97 -24.75 -14.27 -10.38
CA LEU B 97 -25.78 -13.40 -10.92
C LEU B 97 -27.13 -14.10 -10.97
N ASP B 98 -28.18 -13.29 -11.02
CA ASP B 98 -29.54 -13.82 -11.11
C ASP B 98 -29.73 -14.61 -12.41
N GLY B 99 -30.23 -15.84 -12.28
CA GLY B 99 -30.39 -16.72 -13.42
C GLY B 99 -29.61 -17.98 -13.20
N GLY B 100 -28.49 -17.85 -12.48
CA GLY B 100 -27.58 -18.95 -12.28
C GLY B 100 -26.31 -18.77 -13.09
N PRO B 101 -25.46 -19.81 -13.11
CA PRO B 101 -24.11 -19.66 -13.64
C PRO B 101 -24.03 -19.79 -15.17
N ARG B 102 -23.24 -18.92 -15.77
CA ARG B 102 -23.07 -18.89 -17.21
C ARG B 102 -21.65 -19.29 -17.55
N ALA B 103 -21.50 -19.98 -18.68
CA ALA B 103 -20.19 -20.46 -19.10
C ALA B 103 -20.12 -20.45 -20.63
N GLY B 104 -18.90 -20.44 -21.15
CA GLY B 104 -18.71 -20.46 -22.59
C GLY B 104 -17.24 -20.40 -22.96
N ALA B 105 -16.98 -20.53 -24.26
CA ALA B 105 -15.63 -20.70 -24.77
C ALA B 105 -14.76 -19.46 -24.62
N ASP B 106 -15.37 -18.27 -24.56
CA ASP B 106 -14.65 -17.01 -24.43
C ASP B 106 -15.09 -16.34 -23.13
N ALA B 107 -14.19 -16.32 -22.14
CA ALA B 107 -14.53 -15.72 -20.85
C ALA B 107 -14.83 -14.22 -20.97
N GLU B 108 -14.17 -13.52 -21.90
CA GLU B 108 -14.50 -12.11 -22.10
C GLU B 108 -15.93 -11.96 -22.61
N GLN B 109 -16.38 -12.88 -23.45
CA GLN B 109 -17.73 -12.76 -24.00
C GLN B 109 -18.77 -13.21 -23.00
N VAL B 110 -18.50 -14.27 -22.22
CA VAL B 110 -19.39 -14.63 -21.13
C VAL B 110 -19.65 -13.41 -20.24
N LEU B 111 -18.57 -12.75 -19.78
CA LEU B 111 -18.74 -11.59 -18.92
C LEU B 111 -19.50 -10.48 -19.65
N LEU B 112 -19.19 -10.27 -20.93
CA LEU B 112 -19.85 -9.21 -21.69
C LEU B 112 -21.36 -9.41 -21.79
N GLU B 113 -21.80 -10.64 -22.14
CA GLU B 113 -23.23 -10.87 -22.31
C GLU B 113 -23.97 -10.78 -20.97
N ALA B 114 -23.31 -11.12 -19.87
CA ALA B 114 -24.02 -11.22 -18.59
C ALA B 114 -24.13 -9.88 -17.88
N THR B 115 -23.15 -8.99 -18.05
CA THR B 115 -23.13 -7.73 -17.31
C THR B 115 -23.11 -6.48 -18.19
N GLY B 116 -22.86 -6.62 -19.49
CA GLY B 116 -22.56 -5.46 -20.31
C GLY B 116 -21.18 -4.85 -20.10
N TRP B 117 -20.32 -5.49 -19.31
CA TRP B 117 -18.96 -5.01 -19.06
C TRP B 117 -17.99 -5.64 -20.04
N THR B 118 -17.14 -4.82 -20.65
CA THR B 118 -16.00 -5.29 -21.42
C THR B 118 -14.71 -5.11 -20.62
N ILE B 119 -14.05 -6.23 -20.34
CA ILE B 119 -12.73 -6.27 -19.76
C ILE B 119 -11.99 -7.39 -20.49
N PRO B 120 -10.81 -7.16 -20.98
CA PRO B 120 -10.13 -8.24 -21.74
C PRO B 120 -9.51 -9.25 -20.76
N VAL B 121 -10.32 -10.19 -20.25
CA VAL B 121 -9.82 -10.93 -19.08
C VAL B 121 -8.69 -11.86 -19.43
N ASN B 122 -8.64 -12.38 -20.66
CA ASN B 122 -7.58 -13.33 -20.94
C ASN B 122 -6.23 -12.66 -21.12
N GLN B 123 -6.21 -11.35 -21.34
CA GLN B 123 -4.96 -10.63 -21.50
C GLN B 123 -4.49 -9.93 -20.23
N MET B 124 -5.41 -9.59 -19.32
CA MET B 124 -5.05 -8.90 -18.09
C MET B 124 -3.93 -9.55 -17.27
N PRO B 125 -3.85 -10.89 -17.12
CA PRO B 125 -2.83 -11.42 -16.21
C PRO B 125 -1.44 -10.96 -16.57
N ASP B 126 -1.20 -10.68 -17.85
CA ASP B 126 0.11 -10.13 -18.25
C ASP B 126 0.13 -8.61 -18.19
N TRP B 127 -0.90 -7.97 -18.74
CA TRP B 127 -0.94 -6.51 -18.81
C TRP B 127 -0.88 -5.87 -17.43
N VAL B 128 -1.64 -6.40 -16.46
CA VAL B 128 -1.69 -5.80 -15.13
C VAL B 128 -0.34 -5.88 -14.45
N ARG B 129 0.51 -6.83 -14.84
CA ARG B 129 1.88 -6.82 -14.34
C ARG B 129 2.86 -6.06 -15.24
N ALA B 130 2.35 -5.33 -16.24
CA ALA B 130 3.18 -4.65 -17.25
C ALA B 130 4.09 -5.63 -17.99
N LEU B 131 3.54 -6.79 -18.33
CA LEU B 131 4.21 -7.76 -19.20
C LEU B 131 3.42 -7.90 -20.49
N ARG B 132 4.10 -8.24 -21.57
CA ARG B 132 3.34 -8.54 -22.77
C ARG B 132 3.03 -10.02 -22.86
N ILE B 133 1.95 -10.35 -23.56
CA ILE B 133 1.54 -11.74 -23.70
C ILE B 133 2.54 -12.48 -24.59
N ALA B 134 2.80 -13.73 -24.25
CA ALA B 134 3.62 -14.59 -25.09
C ALA B 134 2.78 -15.23 -26.19
N ASP B 135 3.39 -15.43 -27.36
CA ASP B 135 2.71 -16.03 -28.52
C ASP B 135 1.49 -15.23 -28.97
N ALA B 136 1.60 -13.91 -28.91
CA ALA B 136 0.44 -13.05 -29.15
C ALA B 136 0.57 -12.14 -30.35
N GLY B 137 1.76 -11.93 -30.87
CA GLY B 137 1.91 -10.94 -31.92
C GLY B 137 2.59 -9.70 -31.39
N ALA B 138 3.72 -9.35 -32.01
CA ALA B 138 4.63 -8.30 -31.54
C ALA B 138 3.88 -7.13 -30.92
N ALA B 139 4.32 -6.74 -29.73
CA ALA B 139 3.71 -5.65 -28.98
C ALA B 139 4.56 -4.40 -29.14
N ARG B 140 3.92 -3.28 -29.44
CA ARG B 140 4.61 -2.00 -29.43
C ARG B 140 4.73 -1.56 -27.97
N VAL B 141 5.96 -1.24 -27.55
CA VAL B 141 6.25 -0.87 -26.18
C VAL B 141 6.99 0.46 -26.16
N ASP B 142 6.48 1.41 -25.38
CA ASP B 142 7.17 2.65 -25.08
C ASP B 142 7.59 2.64 -23.63
N LEU B 143 8.82 3.10 -23.39
CA LEU B 143 9.41 3.10 -22.05
C LEU B 143 9.32 4.49 -21.44
N ASP B 144 9.20 4.53 -20.11
CA ASP B 144 9.28 5.80 -19.41
C ASP B 144 10.76 6.15 -19.24
N GLU B 145 11.04 7.28 -18.59
CA GLU B 145 12.42 7.72 -18.49
C GLU B 145 13.30 6.77 -17.67
N HIS B 146 12.72 5.83 -16.91
CA HIS B 146 13.50 4.87 -16.13
C HIS B 146 13.66 3.52 -16.81
N GLY B 147 13.06 3.31 -17.98
CA GLY B 147 13.12 2.04 -18.66
C GLY B 147 12.00 1.08 -18.31
N ARG B 148 10.96 1.54 -17.61
CA ARG B 148 9.74 0.83 -17.28
C ARG B 148 8.74 1.01 -18.40
N PRO B 149 7.89 0.01 -18.69
CA PRO B 149 6.86 0.21 -19.72
C PRO B 149 5.99 1.40 -19.33
N ARG B 150 5.73 2.27 -20.31
CA ARG B 150 4.78 3.37 -20.17
C ARG B 150 3.48 3.12 -20.92
N THR B 151 3.56 2.65 -22.15
CA THR B 151 2.41 2.26 -22.97
C THR B 151 2.73 0.94 -23.66
N VAL B 152 1.74 0.05 -23.72
CA VAL B 152 1.87 -1.21 -24.45
C VAL B 152 0.69 -1.31 -25.39
N GLN B 153 0.96 -1.52 -26.68
CA GLN B 153 -0.04 -1.80 -27.69
C GLN B 153 0.04 -3.28 -28.05
N GLN B 154 -1.06 -3.99 -27.86
CA GLN B 154 -1.08 -5.41 -28.15
C GLN B 154 -2.54 -5.82 -28.25
N ASP B 155 -2.84 -6.64 -29.26
CA ASP B 155 -4.07 -7.41 -29.31
C ASP B 155 -5.31 -6.54 -29.44
N GLY B 156 -5.17 -5.35 -30.05
CA GLY B 156 -6.26 -4.42 -30.24
C GLY B 156 -6.36 -3.36 -29.16
N TRP B 157 -5.62 -3.50 -28.07
CA TRP B 157 -5.77 -2.70 -26.86
C TRP B 157 -4.56 -1.80 -26.68
N THR B 158 -4.79 -0.59 -26.17
CA THR B 158 -3.72 0.31 -25.77
C THR B 158 -3.74 0.42 -24.25
N ILE B 159 -2.59 0.15 -23.61
CA ILE B 159 -2.50 0.01 -22.16
C ILE B 159 -1.48 1.01 -21.65
N ASP B 160 -1.93 1.93 -20.79
CA ASP B 160 -1.08 2.97 -20.22
C ASP B 160 -0.82 2.67 -18.76
N PHE B 161 0.45 2.83 -18.36
CA PHE B 161 0.89 2.60 -16.99
C PHE B 161 1.17 3.97 -16.39
N LEU B 162 0.22 4.47 -15.60
CA LEU B 162 0.26 5.85 -15.14
C LEU B 162 1.03 6.02 -13.83
N GLU B 163 0.97 5.03 -12.93
CA GLU B 163 1.68 5.11 -11.67
C GLU B 163 2.10 3.70 -11.24
N TRP B 164 3.17 3.65 -10.47
CA TRP B 164 3.80 2.41 -10.07
C TRP B 164 3.73 2.21 -8.55
N THR B 165 3.64 0.96 -8.16
CA THR B 165 3.77 0.58 -6.76
C THR B 165 5.23 0.62 -6.35
N PRO B 166 5.58 1.23 -5.21
CA PRO B 166 6.96 1.16 -4.73
C PRO B 166 7.48 -0.28 -4.75
N ALA B 167 8.77 -0.41 -5.01
CA ALA B 167 9.51 -1.65 -4.90
C ALA B 167 9.91 -1.92 -3.45
N SER B 168 10.23 -3.20 -3.18
CA SER B 168 10.93 -3.63 -1.98
C SER B 168 11.88 -4.76 -2.35
N ALA B 169 12.66 -5.24 -1.37
CA ALA B 169 13.54 -6.39 -1.63
C ALA B 169 12.76 -7.59 -2.16
N ALA B 170 11.52 -7.80 -1.70
CA ALA B 170 10.73 -8.97 -2.10
C ALA B 170 9.81 -8.73 -3.29
N GLN B 171 9.45 -7.48 -3.58
CA GLN B 171 8.39 -7.17 -4.53
C GLN B 171 8.93 -6.25 -5.62
N PRO B 172 9.05 -6.70 -6.86
CA PRO B 172 9.50 -5.79 -7.92
C PRO B 172 8.44 -4.73 -8.18
N GLU B 173 8.88 -3.66 -8.86
CA GLU B 173 7.97 -2.61 -9.29
C GLU B 173 6.84 -3.22 -10.08
N LEU B 174 5.63 -2.92 -9.67
CA LEU B 174 4.43 -3.37 -10.33
C LEU B 174 3.46 -2.20 -10.46
N PRO B 175 2.64 -2.19 -11.52
CA PRO B 175 1.76 -1.04 -11.76
C PRO B 175 0.84 -0.76 -10.56
N ARG B 176 0.43 0.50 -10.43
CA ARG B 176 -0.58 0.89 -9.46
C ARG B 176 -1.81 1.53 -10.09
N ARG B 177 -1.66 2.19 -11.24
CA ARG B 177 -2.79 2.79 -11.95
C ARG B 177 -2.62 2.55 -13.45
N ILE B 178 -3.61 1.92 -14.05
CA ILE B 178 -3.60 1.53 -15.45
C ILE B 178 -4.86 2.08 -16.09
N GLU B 179 -4.73 2.53 -17.34
CA GLU B 179 -5.89 2.76 -18.20
C GLU B 179 -5.68 2.02 -19.51
N ALA B 180 -6.65 1.20 -19.87
CA ALA B 180 -6.61 0.41 -21.08
C ALA B 180 -7.80 0.78 -21.95
N ARG B 181 -7.58 0.88 -23.27
CA ARG B 181 -8.65 1.30 -24.17
C ARG B 181 -8.60 0.50 -25.45
N ASN B 182 -9.77 0.22 -26.00
CA ASN B 182 -9.88 -0.46 -27.29
C ASN B 182 -11.08 0.18 -27.99
N GLY B 183 -10.80 1.07 -28.94
CA GLY B 183 -11.88 1.81 -29.54
C GLY B 183 -12.51 2.63 -28.44
N ASP B 184 -13.82 2.46 -28.22
CA ASP B 184 -14.48 3.18 -27.14
C ASP B 184 -14.68 2.32 -25.89
N ALA B 185 -14.06 1.16 -25.80
CA ALA B 185 -14.08 0.39 -24.56
C ALA B 185 -12.93 0.88 -23.69
N LYS B 186 -13.23 1.20 -22.43
CA LYS B 186 -12.29 1.83 -21.54
C LYS B 186 -12.26 1.10 -20.21
N VAL B 187 -11.07 0.85 -19.70
CA VAL B 187 -10.87 0.27 -18.40
C VAL B 187 -9.91 1.17 -17.62
N ARG B 188 -10.29 1.52 -16.41
CA ARG B 188 -9.38 2.17 -15.47
C ARG B 188 -9.27 1.30 -14.23
N LEU B 189 -8.03 1.06 -13.82
CA LEU B 189 -7.77 0.14 -12.74
C LEU B 189 -6.80 0.79 -11.74
N LEU B 190 -7.16 0.72 -10.49
CA LEU B 190 -6.29 1.05 -9.39
C LEU B 190 -5.98 -0.24 -8.64
N VAL B 191 -4.71 -0.60 -8.55
CA VAL B 191 -4.28 -1.77 -7.78
C VAL B 191 -3.83 -1.28 -6.41
N ASP B 192 -4.60 -1.62 -5.38
CA ASP B 192 -4.29 -1.14 -4.03
C ASP B 192 -3.34 -2.05 -3.27
N GLN B 193 -3.30 -3.36 -3.56
CA GLN B 193 -2.52 -4.30 -2.76
C GLN B 193 -2.13 -5.52 -3.58
N TRP B 194 -0.82 -5.73 -3.78
CA TRP B 194 -0.29 -6.93 -4.43
C TRP B 194 0.06 -7.99 -3.41
N THR B 195 -0.06 -9.25 -3.85
CA THR B 195 0.34 -10.40 -3.05
C THR B 195 1.05 -11.38 -3.97
N LEU B 196 2.28 -11.78 -3.61
CA LEU B 196 3.19 -12.48 -4.52
C LEU B 196 3.86 -13.67 -3.81
N SER B 197 4.56 -14.50 -4.59
CA SER B 197 5.38 -15.58 -4.04
C SER B 197 6.60 -15.00 -3.32
N PRO B 198 7.09 -15.69 -2.28
CA PRO B 198 8.29 -15.25 -1.55
C PRO B 198 9.64 -15.51 -2.26
N GLY C 3 34.53 15.58 -23.06
CA GLY C 3 35.33 14.96 -22.00
C GLY C 3 34.66 15.16 -20.65
N ALA C 4 35.13 14.45 -19.62
CA ALA C 4 34.47 14.53 -18.32
C ALA C 4 34.83 15.81 -17.58
N ARG C 5 36.14 16.07 -17.42
CA ARG C 5 36.58 17.22 -16.63
C ARG C 5 36.00 18.52 -17.19
N GLN C 6 36.21 18.80 -18.48
CA GLN C 6 35.74 20.05 -19.07
C GLN C 6 34.26 20.30 -18.79
N GLU C 7 33.45 19.25 -18.64
CA GLU C 7 32.04 19.43 -18.28
C GLU C 7 31.88 19.65 -16.78
N LEU C 8 32.66 18.94 -15.97
CA LEU C 8 32.65 19.16 -14.53
C LEU C 8 33.02 20.61 -14.21
N ASP C 9 34.19 21.05 -14.70
CA ASP C 9 34.62 22.43 -14.61
C ASP C 9 33.60 23.51 -14.99
N THR C 10 33.08 23.45 -16.22
CA THR C 10 31.99 24.34 -16.61
C THR C 10 30.79 24.23 -15.69
N PHE C 11 30.53 23.03 -15.16
CA PHE C 11 29.44 22.85 -14.20
C PHE C 11 29.77 23.53 -12.88
N THR C 12 30.99 23.38 -12.39
CA THR C 12 31.32 23.70 -11.01
C THR C 12 32.11 25.00 -10.82
N ARG C 13 32.23 25.83 -11.86
CA ARG C 13 32.99 27.07 -11.74
C ARG C 13 32.09 28.23 -11.33
N GLY C 14 32.52 28.98 -10.32
CA GLY C 14 31.73 30.08 -9.79
C GLY C 14 30.43 29.63 -9.15
N LEU C 15 30.36 28.39 -8.71
CA LEU C 15 29.13 27.78 -8.24
C LEU C 15 29.14 27.77 -6.71
N LYS C 16 28.22 28.53 -6.11
CA LYS C 16 28.10 28.60 -4.66
C LYS C 16 26.87 27.89 -4.11
N GLY C 17 25.80 27.78 -4.91
CA GLY C 17 24.61 27.06 -4.50
C GLY C 17 24.11 26.20 -5.63
N LEU C 18 23.30 25.20 -5.28
CA LEU C 18 22.80 24.25 -6.26
C LEU C 18 21.50 23.65 -5.75
N ASP C 19 20.41 23.83 -6.50
CA ASP C 19 19.08 23.35 -6.12
C ASP C 19 18.48 22.58 -7.28
N GLY C 20 18.08 21.33 -7.02
CA GLY C 20 17.51 20.54 -8.08
C GLY C 20 16.69 19.39 -7.54
N GLN C 21 16.12 18.62 -8.46
CA GLN C 21 15.41 17.40 -8.13
C GLN C 21 16.31 16.19 -8.41
N PHE C 22 15.98 15.07 -7.76
CA PHE C 22 16.71 13.84 -7.97
C PHE C 22 15.73 12.68 -8.06
N SER C 23 16.22 11.59 -8.61
CA SER C 23 15.53 10.31 -8.66
C SER C 23 16.54 9.28 -8.15
N GLN C 24 16.06 8.25 -7.44
CA GLN C 24 16.99 7.32 -6.81
C GLN C 24 16.46 5.89 -6.94
N ARG C 25 17.26 5.01 -7.50
CA ARG C 25 16.86 3.63 -7.75
C ARG C 25 17.94 2.70 -7.24
N VAL C 26 17.56 1.82 -6.31
CA VAL C 26 18.49 0.94 -5.62
C VAL C 26 18.25 -0.47 -6.14
N THR C 27 19.31 -1.16 -6.53
CA THR C 27 19.20 -2.50 -7.09
C THR C 27 19.90 -3.54 -6.22
N ASP C 28 19.33 -4.74 -6.21
CA ASP C 28 19.88 -5.83 -5.43
C ASP C 28 21.06 -6.46 -6.19
N ALA C 29 21.50 -7.63 -5.73
CA ALA C 29 22.66 -8.26 -6.36
C ALA C 29 22.40 -8.69 -7.80
N ASN C 30 21.13 -8.95 -8.17
CA ASN C 30 20.75 -9.30 -9.53
C ASN C 30 20.36 -8.08 -10.36
N GLY C 31 20.74 -6.88 -9.96
CA GLY C 31 20.35 -5.71 -10.71
C GLY C 31 18.85 -5.47 -10.76
N ARG C 32 18.09 -6.01 -9.82
CA ARG C 32 16.66 -5.79 -9.79
C ARG C 32 16.33 -4.67 -8.82
N VAL C 33 15.42 -3.78 -9.23
CA VAL C 33 15.17 -2.57 -8.43
C VAL C 33 14.40 -2.97 -7.18
N LYS C 34 14.95 -2.64 -6.01
CA LYS C 34 14.28 -2.89 -4.74
C LYS C 34 13.98 -1.62 -3.94
N GLU C 35 14.34 -0.44 -4.47
CA GLU C 35 13.83 0.82 -3.94
C GLU C 35 13.84 1.86 -5.07
N ASN C 36 12.74 2.58 -5.17
CA ASN C 36 12.52 3.66 -6.13
C ASN C 36 11.99 4.84 -5.35
N SER C 37 12.71 5.96 -5.38
CA SER C 37 12.32 7.10 -4.54
C SER C 37 12.79 8.39 -5.21
N SER C 38 12.31 9.52 -4.69
CA SER C 38 12.73 10.82 -5.22
C SER C 38 12.40 11.95 -4.27
N GLY C 39 13.06 13.08 -4.51
CA GLY C 39 12.86 14.32 -3.80
C GLY C 39 13.74 15.44 -4.31
N ARG C 40 14.35 16.22 -3.41
CA ARG C 40 15.03 17.45 -3.75
C ARG C 40 16.41 17.47 -3.13
N VAL C 41 17.40 17.96 -3.88
CA VAL C 41 18.77 18.03 -3.39
C VAL C 41 19.24 19.49 -3.46
N ALA C 42 19.81 19.99 -2.36
CA ALA C 42 20.36 21.33 -2.31
C ALA C 42 21.77 21.27 -1.75
N LEU C 43 22.59 22.23 -2.18
CA LEU C 43 24.01 22.24 -1.90
C LEU C 43 24.45 23.68 -1.72
N ALA C 44 25.37 23.92 -0.79
CA ALA C 44 25.95 25.24 -0.58
C ALA C 44 27.28 25.07 0.13
N THR C 45 28.32 25.69 -0.44
CA THR C 45 29.62 25.71 0.22
C THR C 45 29.57 26.52 1.52
N PRO C 46 30.41 26.16 2.50
CA PRO C 46 31.43 25.10 2.40
C PRO C 46 30.93 23.67 2.66
N ARG C 47 30.00 23.51 3.61
CA ARG C 47 29.69 22.19 4.14
C ARG C 47 28.19 22.02 4.37
N GLN C 48 27.37 22.40 3.39
CA GLN C 48 25.93 22.36 3.58
C GLN C 48 25.25 21.62 2.45
N PHE C 49 24.34 20.71 2.83
CA PHE C 49 23.54 20.02 1.84
C PHE C 49 22.19 19.62 2.45
N ARG C 50 21.21 19.50 1.57
CA ARG C 50 19.86 19.10 1.94
C ARG C 50 19.46 17.99 0.98
N TRP C 51 19.02 16.86 1.54
CA TRP C 51 18.60 15.70 0.77
C TRP C 51 17.26 15.29 1.38
N GLU C 52 16.14 15.68 0.75
CA GLU C 52 14.84 15.37 1.30
C GLU C 52 14.00 14.57 0.31
N TYR C 53 13.63 13.36 0.73
CA TYR C 53 12.76 12.50 -0.04
C TYR C 53 11.35 13.04 0.00
N ALA C 54 10.71 13.15 -1.17
CA ALA C 54 9.28 13.44 -1.24
C ALA C 54 8.43 12.19 -1.48
N LYS C 55 8.99 11.15 -2.10
CA LYS C 55 8.29 9.93 -2.50
C LYS C 55 9.25 8.76 -2.34
N PRO C 56 8.77 7.57 -1.93
CA PRO C 56 7.35 7.32 -1.64
C PRO C 56 6.95 7.78 -0.23
N TYR C 57 7.89 8.29 0.56
CA TYR C 57 7.55 8.93 1.83
C TYR C 57 8.54 10.06 2.09
N LYS C 58 8.20 10.90 3.06
CA LYS C 58 9.00 12.09 3.34
C LYS C 58 10.08 11.74 4.35
N GLN C 59 11.31 12.11 4.03
CA GLN C 59 12.41 11.99 4.97
C GLN C 59 13.37 13.14 4.68
N LEU C 60 13.85 13.80 5.72
CA LEU C 60 14.71 14.95 5.54
C LEU C 60 16.07 14.66 6.17
N ILE C 61 17.13 14.82 5.36
CA ILE C 61 18.51 14.82 5.85
C ILE C 61 19.10 16.21 5.62
N VAL C 62 19.65 16.82 6.68
CA VAL C 62 20.25 18.14 6.58
C VAL C 62 21.61 18.14 7.26
N ALA C 63 22.60 18.70 6.56
CA ALA C 63 23.92 18.97 7.09
C ALA C 63 24.03 20.50 7.19
N ASP C 64 24.07 21.02 8.42
CA ASP C 64 24.00 22.47 8.62
C ASP C 64 25.37 23.12 8.77
N GLY C 65 26.44 22.38 8.49
CA GLY C 65 27.79 22.88 8.67
C GLY C 65 28.39 22.28 9.92
N LYS C 66 27.61 22.23 10.99
CA LYS C 66 28.05 21.73 12.29
C LYS C 66 27.41 20.41 12.68
N LYS C 67 26.14 20.19 12.36
CA LYS C 67 25.46 18.96 12.70
C LYS C 67 24.76 18.39 11.46
N VAL C 68 24.50 17.09 11.51
CA VAL C 68 23.77 16.37 10.47
C VAL C 68 22.54 15.74 11.10
N TRP C 69 21.38 16.02 10.52
CA TRP C 69 20.10 15.61 11.04
C TRP C 69 19.42 14.69 10.04
N VAL C 70 18.81 13.61 10.54
CA VAL C 70 17.95 12.75 9.73
C VAL C 70 16.58 12.76 10.37
N PHE C 71 15.61 13.40 9.72
CA PHE C 71 14.26 13.56 10.24
C PHE C 71 13.29 12.64 9.51
N ASP C 72 12.57 11.82 10.27
CA ASP C 72 11.47 10.99 9.77
C ASP C 72 10.14 11.52 10.31
N PRO C 73 9.42 12.37 9.59
CA PRO C 73 8.18 12.95 10.14
C PRO C 73 7.14 11.91 10.55
N ASP C 74 7.00 10.80 9.82
CA ASP C 74 6.02 9.79 10.18
C ASP C 74 6.38 9.06 11.46
N LEU C 75 7.68 8.98 11.78
CA LEU C 75 8.13 8.32 12.99
C LEU C 75 8.34 9.28 14.15
N GLU C 76 8.18 10.59 13.92
CA GLU C 76 8.35 11.65 14.92
C GLU C 76 9.69 11.53 15.63
N GLN C 77 10.76 11.40 14.85
CA GLN C 77 12.09 11.33 15.44
C GLN C 77 13.11 11.90 14.47
N VAL C 78 14.06 12.64 15.01
CA VAL C 78 15.20 13.11 14.25
C VAL C 78 16.45 12.60 14.94
N THR C 79 17.36 12.01 14.18
CA THR C 79 18.66 11.60 14.68
C THR C 79 19.67 12.67 14.31
N VAL C 80 20.49 13.06 15.28
CA VAL C 80 21.44 14.15 15.08
C VAL C 80 22.83 13.61 15.38
N ARG C 81 23.83 14.18 14.70
CA ARG C 81 25.21 13.72 14.79
C ARG C 81 26.12 14.91 14.47
N ALA C 82 27.32 14.90 15.06
CA ALA C 82 28.35 15.86 14.66
C ALA C 82 28.75 15.65 13.21
N GLN C 83 28.87 16.74 12.46
CA GLN C 83 29.25 16.67 11.05
C GLN C 83 30.77 16.52 10.92
N GLY C 84 31.20 15.59 10.08
CA GLY C 84 32.63 15.35 9.92
C GLY C 84 33.14 15.55 8.51
N SER C 85 34.00 14.65 8.04
CA SER C 85 34.38 14.60 6.63
C SER C 85 33.26 13.88 5.87
N GLU C 86 32.14 14.60 5.70
CA GLU C 86 31.00 14.08 4.97
C GLU C 86 31.26 13.92 3.49
N GLU C 87 32.44 14.34 3.02
CA GLU C 87 32.83 14.07 1.64
C GLU C 87 32.99 12.59 1.37
N GLN C 88 33.20 11.77 2.42
CA GLN C 88 33.25 10.32 2.31
C GLN C 88 31.87 9.67 2.43
N ASN C 89 30.85 10.46 2.81
CA ASN C 89 29.48 9.98 2.86
C ASN C 89 28.71 10.30 1.57
N SER C 90 28.93 11.50 1.01
CA SER C 90 28.33 11.91 -0.26
C SER C 90 29.26 12.86 -1.01
N PRO C 91 29.82 12.43 -2.15
CA PRO C 91 30.78 13.26 -2.88
C PRO C 91 30.14 14.44 -3.57
N LEU C 92 28.85 14.66 -3.30
CA LEU C 92 28.14 15.74 -3.98
C LEU C 92 28.54 17.10 -3.41
N VAL C 93 28.76 17.20 -2.10
CA VAL C 93 29.31 18.43 -1.54
C VAL C 93 30.62 18.76 -2.21
N ALA C 94 31.41 17.74 -2.52
CA ALA C 94 32.64 17.89 -3.26
C ALA C 94 32.43 18.47 -4.66
N LEU C 95 31.19 18.68 -5.13
CA LEU C 95 31.01 19.45 -6.36
C LEU C 95 31.09 20.93 -6.12
N ILE C 96 30.33 21.43 -5.14
CA ILE C 96 30.25 22.88 -4.93
C ILE C 96 31.60 23.43 -4.54
N ASP C 97 32.43 22.62 -3.88
CA ASP C 97 33.87 22.87 -3.77
C ASP C 97 34.59 21.75 -4.49
N PRO C 98 34.91 21.92 -5.78
CA PRO C 98 35.49 20.80 -6.54
C PRO C 98 36.87 20.41 -6.06
N THR C 99 37.62 21.35 -5.49
CA THR C 99 39.01 21.10 -5.17
C THR C 99 39.20 19.91 -4.24
N ARG C 100 38.15 19.38 -3.63
CA ARG C 100 38.32 18.33 -2.63
C ARG C 100 38.44 16.94 -3.24
N LEU C 101 38.66 16.84 -4.55
CA LEU C 101 38.45 15.55 -5.20
C LEU C 101 39.63 14.60 -5.00
N ASP C 102 40.84 14.96 -5.46
CA ASP C 102 42.04 14.28 -4.96
C ASP C 102 42.44 14.86 -3.61
N LYS C 103 41.57 14.64 -2.64
CA LYS C 103 41.99 14.39 -1.26
C LYS C 103 41.56 13.01 -0.82
N GLN C 104 40.34 12.60 -1.17
CA GLN C 104 39.82 11.28 -0.84
C GLN C 104 39.21 10.56 -2.03
N TYR C 105 39.41 11.04 -3.26
CA TYR C 105 38.80 10.42 -4.44
C TYR C 105 39.83 10.37 -5.56
N ASP C 106 40.27 9.16 -5.90
CA ASP C 106 41.13 8.98 -7.07
C ASP C 106 40.32 9.17 -8.33
N VAL C 107 40.27 10.41 -8.83
CA VAL C 107 39.47 10.73 -10.00
C VAL C 107 40.19 10.23 -11.24
N SER C 108 39.53 9.32 -11.97
CA SER C 108 39.98 8.80 -13.24
C SER C 108 38.91 9.26 -14.24
N GLU C 109 39.12 8.99 -15.52
CA GLU C 109 38.10 9.32 -16.51
C GLU C 109 37.75 8.20 -17.47
N GLU C 110 36.44 7.91 -17.60
CA GLU C 110 35.98 6.87 -18.50
C GLU C 110 36.32 7.22 -19.95
N ALA C 111 36.73 6.20 -20.71
CA ALA C 111 37.21 6.43 -22.07
C ALA C 111 36.12 6.93 -23.01
N ALA C 112 35.00 6.20 -23.07
CA ALA C 112 34.01 6.43 -24.12
C ALA C 112 32.67 6.88 -23.55
N PRO C 113 31.89 7.67 -24.31
CA PRO C 113 30.55 8.05 -23.84
C PRO C 113 29.65 6.83 -23.65
N ARG C 114 29.34 6.54 -22.40
CA ARG C 114 28.46 5.43 -22.06
C ARG C 114 27.10 5.99 -21.69
N ASP C 115 26.05 5.35 -22.22
CA ASP C 115 24.67 5.78 -22.00
C ASP C 115 24.43 7.20 -22.52
N GLY C 116 25.30 7.68 -23.39
CA GLY C 116 25.21 9.04 -23.90
C GLY C 116 25.72 10.10 -22.97
N LEU C 117 26.69 9.77 -22.11
CA LEU C 117 27.18 10.73 -21.12
C LEU C 117 28.69 10.61 -21.00
N GLN C 118 29.35 11.75 -20.81
CA GLN C 118 30.77 11.74 -20.47
C GLN C 118 30.87 11.41 -18.98
N TRP C 119 31.33 10.21 -18.68
CA TRP C 119 31.37 9.72 -17.32
C TRP C 119 32.72 10.03 -16.69
N LEU C 120 32.85 9.72 -15.40
CA LEU C 120 34.04 10.10 -14.66
C LEU C 120 34.11 9.30 -13.36
N SER C 121 35.16 8.51 -13.19
CA SER C 121 35.25 7.58 -12.07
C SER C 121 35.82 8.28 -10.83
N LEU C 122 35.40 7.82 -9.66
CA LEU C 122 35.87 8.34 -8.38
C LEU C 122 36.09 7.18 -7.42
N THR C 123 37.29 7.07 -6.87
CA THR C 123 37.64 5.94 -6.03
C THR C 123 38.19 6.45 -4.69
N PRO C 124 37.67 5.96 -3.55
CA PRO C 124 38.14 6.46 -2.25
C PRO C 124 39.61 6.15 -1.97
N LYS C 125 40.46 7.18 -2.03
CA LYS C 125 41.83 7.09 -1.57
C LYS C 125 41.91 7.14 -0.05
N VAL C 126 41.23 8.12 0.55
CA VAL C 126 41.00 8.19 1.98
C VAL C 126 39.52 7.94 2.23
N ASP C 127 39.21 7.25 3.31
CA ASP C 127 37.83 6.87 3.60
C ASP C 127 37.47 7.08 5.07
N SER C 131 34.72 2.78 3.13
CA SER C 131 33.41 3.37 2.82
C SER C 131 32.75 2.58 1.71
N PHE C 132 32.51 3.25 0.60
CA PHE C 132 31.92 2.60 -0.57
C PHE C 132 33.02 2.14 -1.53
N GLN C 133 32.60 1.46 -2.60
CA GLN C 133 33.55 0.89 -3.56
C GLN C 133 33.95 1.95 -4.59
N MET C 134 33.02 2.37 -5.44
CA MET C 134 33.33 3.33 -6.49
C MET C 134 32.07 4.09 -6.88
N ALA C 135 32.17 5.42 -6.83
CA ALA C 135 31.13 6.31 -7.35
C ALA C 135 31.51 6.72 -8.76
N SER C 136 30.62 7.44 -9.41
CA SER C 136 30.86 7.73 -10.82
C SER C 136 29.83 8.76 -11.27
N LEU C 137 30.29 9.79 -11.98
CA LEU C 137 29.43 10.91 -12.34
C LEU C 137 29.35 11.04 -13.85
N GLY C 138 28.14 11.22 -14.35
CA GLY C 138 27.89 11.42 -15.77
C GLY C 138 27.49 12.86 -16.03
N PHE C 139 27.99 13.43 -17.12
CA PHE C 139 27.74 14.82 -17.47
C PHE C 139 27.18 14.93 -18.88
N GLY C 140 26.17 15.78 -19.05
CA GLY C 140 25.56 16.00 -20.34
C GLY C 140 25.33 17.47 -20.63
N LYS C 141 24.45 17.75 -21.60
CA LYS C 141 24.23 19.12 -22.04
C LYS C 141 23.62 20.02 -20.97
N ASP C 142 23.14 19.46 -19.86
CA ASP C 142 22.59 20.26 -18.77
C ASP C 142 23.48 20.25 -17.53
N GLY C 143 24.72 19.75 -17.63
CA GLY C 143 25.58 19.66 -16.48
C GLY C 143 25.56 18.27 -15.86
N LEU C 144 25.55 18.18 -14.53
CA LEU C 144 25.46 16.87 -13.90
C LEU C 144 24.12 16.22 -14.20
N ALA C 145 24.15 14.99 -14.71
CA ALA C 145 22.95 14.27 -15.04
C ALA C 145 22.72 13.04 -14.17
N LYS C 146 23.75 12.27 -13.89
CA LYS C 146 23.60 11.00 -13.21
C LYS C 146 24.76 10.77 -12.27
N MET C 147 24.58 9.80 -11.38
CA MET C 147 25.63 9.37 -10.46
C MET C 147 25.25 7.96 -10.00
N GLU C 148 26.00 6.97 -10.46
CA GLU C 148 25.87 5.62 -9.94
C GLU C 148 26.86 5.43 -8.80
N VAL C 149 26.49 4.59 -7.85
CA VAL C 149 27.33 4.33 -6.67
C VAL C 149 27.30 2.85 -6.34
N VAL C 150 28.45 2.29 -6.01
CA VAL C 150 28.56 0.93 -5.51
C VAL C 150 28.99 1.02 -4.05
N ASP C 151 28.22 0.37 -3.17
CA ASP C 151 28.70 0.21 -1.81
C ASP C 151 29.65 -0.99 -1.75
N ALA C 152 30.37 -1.11 -0.62
CA ALA C 152 31.28 -2.24 -0.45
C ALA C 152 30.60 -3.56 -0.74
N VAL C 153 29.29 -3.65 -0.49
CA VAL C 153 28.54 -4.89 -0.70
C VAL C 153 28.15 -5.12 -2.16
N GLY C 154 28.56 -4.23 -3.07
CA GLY C 154 28.23 -4.44 -4.48
C GLY C 154 26.83 -4.04 -4.88
N GLN C 155 26.09 -3.37 -4.00
CA GLN C 155 24.75 -2.89 -4.29
C GLN C 155 24.81 -1.54 -5.00
N ARG C 156 24.14 -1.43 -6.15
CA ARG C 156 24.20 -0.22 -6.96
C ARG C 156 23.06 0.74 -6.63
N THR C 157 23.40 2.02 -6.54
CA THR C 157 22.43 3.08 -6.32
C THR C 157 22.55 4.02 -7.52
N ALA C 158 21.49 4.07 -8.33
CA ALA C 158 21.46 4.90 -9.52
C ALA C 158 20.66 6.16 -9.19
N ILE C 159 21.35 7.30 -9.19
CA ILE C 159 20.72 8.60 -8.95
C ILE C 159 20.75 9.38 -10.25
N SER C 160 19.66 10.09 -10.53
CA SER C 160 19.58 10.94 -11.69
C SER C 160 19.00 12.28 -11.28
N PHE C 161 19.46 13.35 -11.94
CA PHE C 161 19.19 14.72 -11.55
C PHE C 161 18.49 15.47 -12.68
N SER C 162 17.75 16.51 -12.30
CA SER C 162 17.12 17.41 -13.28
C SER C 162 16.75 18.73 -12.62
N GLY C 163 16.44 19.72 -13.44
CA GLY C 163 15.96 20.99 -12.95
C GLY C 163 16.95 21.80 -12.13
N TRP C 164 18.24 21.67 -12.41
CA TRP C 164 19.26 22.41 -11.68
C TRP C 164 18.99 23.91 -11.72
N LYS C 165 19.09 24.54 -10.56
CA LYS C 165 19.18 25.99 -10.44
C LYS C 165 20.55 26.32 -9.87
N ARG C 166 21.25 27.25 -10.53
CA ARG C 166 22.59 27.67 -10.10
C ARG C 166 22.53 28.88 -9.19
N ASN C 167 23.39 28.87 -8.16
CA ASN C 167 23.47 29.91 -7.12
C ASN C 167 22.13 30.55 -6.82
N PRO C 168 21.15 29.81 -6.33
CA PRO C 168 19.82 30.38 -6.13
C PRO C 168 19.75 31.18 -4.83
N ALA C 169 18.61 31.83 -4.63
CA ALA C 169 18.35 32.63 -3.43
C ALA C 169 17.66 31.73 -2.41
N PHE C 170 18.47 31.11 -1.55
CA PHE C 170 17.99 30.05 -0.67
C PHE C 170 17.17 30.61 0.49
N ALA C 171 16.08 29.92 0.81
CA ALA C 171 15.33 30.22 2.04
C ALA C 171 16.27 30.19 3.24
N ALA C 172 15.87 30.92 4.29
CA ALA C 172 16.75 31.05 5.46
C ALA C 172 16.97 29.72 6.17
N ASP C 173 16.05 28.77 6.01
CA ASP C 173 16.08 27.51 6.73
C ASP C 173 16.41 26.33 5.81
N THR C 174 16.90 26.60 4.61
CA THR C 174 17.14 25.52 3.65
C THR C 174 18.07 24.47 4.24
N PHE C 175 19.15 24.89 4.89
CA PHE C 175 20.10 23.99 5.52
C PHE C 175 20.08 24.07 7.06
N ARG C 176 18.89 24.20 7.66
CA ARG C 176 18.74 24.14 9.11
C ARG C 176 17.65 23.13 9.46
N TYR C 177 17.85 22.37 10.52
CA TYR C 177 16.77 21.54 11.02
C TYR C 177 15.95 22.33 12.03
N THR C 178 14.66 22.56 11.71
CA THR C 178 13.72 23.23 12.61
C THR C 178 12.80 22.18 13.23
N PRO C 179 12.87 21.95 14.53
CA PRO C 179 12.12 20.83 15.12
C PRO C 179 10.67 21.19 15.37
N GLY C 180 9.78 20.20 15.18
CA GLY C 180 8.38 20.34 15.50
C GLY C 180 8.05 19.81 16.88
N LYS C 181 6.96 20.33 17.47
CA LYS C 181 6.60 19.91 18.82
C LYS C 181 6.35 18.40 18.88
N GLY C 182 6.74 17.78 19.98
CA GLY C 182 6.56 16.36 20.15
C GLY C 182 7.66 15.50 19.57
N VAL C 183 8.56 16.04 18.75
CA VAL C 183 9.57 15.19 18.12
C VAL C 183 10.54 14.67 19.16
N ASP C 184 10.97 13.42 19.01
CA ASP C 184 12.05 12.86 19.81
C ASP C 184 13.39 13.15 19.15
N VAL C 185 14.28 13.82 19.86
CA VAL C 185 15.61 14.13 19.35
C VAL C 185 16.60 13.17 20.00
N VAL C 186 17.35 12.43 19.17
CA VAL C 186 18.24 11.39 19.69
C VAL C 186 19.59 11.50 19.01
N GLY C 187 20.64 11.20 19.76
CA GLY C 187 21.95 11.04 19.15
C GLY C 187 22.06 9.74 18.37
N ASP C 188 22.94 9.75 17.37
CA ASP C 188 23.23 8.54 16.63
C ASP C 188 23.90 7.53 17.57
N ALA C 189 23.30 6.36 17.74
CA ALA C 189 23.85 5.38 18.70
C ALA C 189 25.08 4.66 18.14
N GLN C 190 25.84 3.99 19.02
CA GLN C 190 27.14 3.35 18.70
C GLN C 190 27.29 2.04 19.49
N VAL D 19 -15.76 -9.12 22.55
CA VAL D 19 -16.73 -9.99 23.21
C VAL D 19 -17.60 -10.65 22.13
N SER D 20 -17.83 -9.91 21.05
CA SER D 20 -18.71 -10.38 19.98
C SER D 20 -18.28 -11.72 19.43
N GLU D 21 -19.25 -12.61 19.20
CA GLU D 21 -18.94 -13.90 18.59
C GLU D 21 -18.37 -13.73 17.19
N SER D 22 -18.96 -12.85 16.38
CA SER D 22 -18.41 -12.67 15.03
C SER D 22 -17.05 -11.99 15.08
N ALA D 23 -16.82 -11.15 16.10
CA ALA D 23 -15.48 -10.57 16.27
C ALA D 23 -14.47 -11.61 16.74
N ARG D 24 -14.88 -12.59 17.55
CA ARG D 24 -13.90 -13.58 17.99
C ARG D 24 -13.57 -14.53 16.85
N GLN D 25 -14.56 -14.83 16.00
CA GLN D 25 -14.35 -15.62 14.80
C GLN D 25 -13.39 -14.92 13.83
N ALA D 26 -13.58 -13.62 13.58
CA ALA D 26 -12.69 -12.94 12.66
C ALA D 26 -11.25 -13.01 13.17
N GLU D 27 -11.03 -12.79 14.47
CA GLU D 27 -9.67 -12.82 15.02
C GLU D 27 -9.07 -14.21 14.96
N ALA D 28 -9.87 -15.23 15.22
CA ALA D 28 -9.34 -16.59 15.12
C ALA D 28 -9.02 -16.95 13.67
N ALA D 29 -9.84 -16.48 12.71
CA ALA D 29 -9.55 -16.78 11.31
C ALA D 29 -8.34 -15.99 10.82
N ARG D 30 -8.14 -14.77 11.36
CA ARG D 30 -6.97 -13.96 10.98
C ARG D 30 -5.67 -14.64 11.42
N GLN D 31 -5.64 -15.18 12.65
CA GLN D 31 -4.42 -15.84 13.12
C GLN D 31 -4.18 -17.16 12.39
N ALA D 32 -5.22 -17.98 12.21
CA ALA D 32 -5.08 -19.26 11.53
C ALA D 32 -4.56 -19.08 10.10
N TRP D 33 -5.10 -18.13 9.36
CA TRP D 33 -4.56 -17.89 8.02
C TRP D 33 -3.08 -17.54 8.09
N LEU D 34 -2.70 -16.63 9.01
CA LEU D 34 -1.31 -16.14 9.01
C LEU D 34 -0.36 -17.23 9.47
N GLN D 35 -0.77 -18.01 10.46
CA GLN D 35 0.12 -19.03 10.97
C GLN D 35 0.24 -20.20 10.00
N ALA D 36 -0.71 -20.35 9.07
CA ALA D 36 -0.67 -21.34 8.01
C ALA D 36 0.12 -20.89 6.79
N HIS D 37 0.61 -19.65 6.77
CA HIS D 37 1.40 -19.13 5.65
C HIS D 37 2.72 -18.58 6.19
N PRO D 38 3.66 -19.46 6.54
CA PRO D 38 4.85 -19.03 7.27
C PRO D 38 5.92 -18.32 6.45
N ALA D 39 5.74 -18.11 5.16
CA ALA D 39 6.71 -17.35 4.36
C ALA D 39 6.05 -16.05 3.90
N TRP D 40 6.71 -14.93 4.15
CA TRP D 40 6.12 -13.63 3.94
C TRP D 40 7.21 -12.60 4.17
N SER D 41 6.89 -11.34 3.92
CA SER D 41 7.87 -10.28 4.11
C SER D 41 7.16 -8.95 4.23
N PHE D 42 7.89 -7.95 4.73
CA PHE D 42 7.39 -6.58 4.70
C PHE D 42 8.57 -5.66 4.46
N GLN D 43 8.28 -4.49 3.89
CA GLN D 43 9.21 -3.38 3.88
C GLN D 43 8.64 -2.26 4.73
N GLY D 44 9.49 -1.62 5.56
CA GLY D 44 9.04 -0.52 6.40
C GLY D 44 10.08 0.50 6.79
N ARG D 45 9.76 1.35 7.75
CA ARG D 45 10.70 2.31 8.32
C ARG D 45 10.68 2.15 9.82
N VAL D 46 11.87 2.18 10.44
CA VAL D 46 11.98 1.97 11.87
C VAL D 46 12.70 3.13 12.51
N ALA D 47 12.30 3.47 13.74
CA ALA D 47 13.05 4.38 14.61
C ALA D 47 13.27 3.71 15.94
N ILE D 48 14.53 3.69 16.38
CA ILE D 48 15.00 3.04 17.59
C ILE D 48 15.44 4.12 18.58
N SER D 49 15.21 3.88 19.87
CA SER D 49 15.86 4.72 20.86
C SER D 49 15.95 4.02 22.21
N LYS D 50 17.06 4.26 22.90
CA LYS D 50 17.27 3.79 24.26
C LYS D 50 17.95 4.93 24.99
N GLY D 51 17.27 5.50 25.97
CA GLY D 51 17.78 6.69 26.62
C GLY D 51 17.77 7.87 25.66
N ARG D 52 18.93 8.46 25.44
CA ARG D 52 19.03 9.62 24.58
C ARG D 52 19.58 9.30 23.20
N ASP D 53 19.98 8.06 22.95
CA ASP D 53 20.57 7.65 21.67
C ASP D 53 19.63 6.69 20.94
N GLY D 54 19.86 6.55 19.63
CA GLY D 54 19.00 5.74 18.80
C GLY D 54 19.38 5.87 17.33
N GLY D 55 18.44 5.50 16.47
CA GLY D 55 18.69 5.53 15.04
C GLY D 55 17.43 5.15 14.29
N SER D 56 17.57 5.11 12.95
CA SER D 56 16.41 4.93 12.09
C SER D 56 16.87 4.48 10.72
N GLY D 57 15.98 3.80 10.00
CA GLY D 57 16.26 3.49 8.62
C GLY D 57 15.20 2.61 8.00
N ARG D 58 15.42 2.27 6.74
CA ARG D 58 14.47 1.49 5.97
C ARG D 58 14.70 0.02 6.28
N LEU D 59 13.61 -0.71 6.43
CA LEU D 59 13.67 -2.09 6.91
C LEU D 59 13.07 -2.98 5.85
N ASP D 60 13.84 -3.92 5.33
CA ASP D 60 13.28 -5.03 4.55
C ASP D 60 13.43 -6.29 5.39
N TRP D 61 12.30 -6.90 5.75
CA TRP D 61 12.29 -8.08 6.61
C TRP D 61 11.75 -9.22 5.75
N GLN D 62 12.51 -10.31 5.63
CA GLN D 62 11.99 -11.47 4.90
C GLN D 62 12.02 -12.67 5.83
N GLN D 63 10.87 -13.36 5.96
CA GLN D 63 10.72 -14.44 6.92
C GLN D 63 10.36 -15.72 6.19
N ASP D 64 10.95 -16.84 6.61
CA ASP D 64 10.65 -18.15 6.01
C ASP D 64 10.54 -19.16 7.13
N GLY D 65 9.34 -19.29 7.70
CA GLY D 65 9.19 -20.06 8.91
C GLY D 65 9.98 -19.39 10.02
N PRO D 66 10.90 -20.13 10.64
CA PRO D 66 11.68 -19.57 11.76
C PRO D 66 12.87 -18.72 11.32
N ARG D 67 13.22 -18.71 10.04
CA ARG D 67 14.44 -18.08 9.55
C ARG D 67 14.13 -16.67 9.07
N TYR D 68 14.92 -15.68 9.47
CA TYR D 68 14.70 -14.32 9.02
C TYR D 68 15.95 -13.74 8.36
N HIS D 69 15.72 -12.84 7.42
CA HIS D 69 16.80 -12.12 6.73
C HIS D 69 16.39 -10.66 6.73
N VAL D 70 17.11 -9.83 7.47
CA VAL D 70 16.65 -8.49 7.82
C VAL D 70 17.63 -7.49 7.24
N GLN D 71 17.13 -6.59 6.39
CA GLN D 71 17.97 -5.57 5.74
C GLN D 71 17.66 -4.19 6.30
N LEU D 72 18.65 -3.53 6.89
CA LEU D 72 18.51 -2.14 7.30
C LEU D 72 19.29 -1.27 6.33
N SER D 73 18.57 -0.50 5.52
CA SER D 73 19.18 0.46 4.61
C SER D 73 19.20 1.81 5.33
N ALA D 74 20.39 2.25 5.70
CA ALA D 74 20.54 3.41 6.56
C ALA D 74 20.50 4.70 5.75
N PRO D 75 20.17 5.85 6.40
CA PRO D 75 20.15 7.13 5.71
C PRO D 75 21.49 7.45 5.06
N VAL D 76 21.51 8.41 4.14
CA VAL D 76 22.74 8.72 3.35
C VAL D 76 23.98 8.88 4.23
N THR D 77 23.84 9.17 5.53
CA THR D 77 25.06 9.43 6.34
C THR D 77 25.28 8.38 7.42
N ARG D 78 24.62 7.22 7.36
CA ARG D 78 24.74 6.25 8.43
C ARG D 78 25.04 4.86 7.85
N GLN D 79 25.17 3.86 8.72
CA GLN D 79 25.68 2.53 8.36
C GLN D 79 24.56 1.52 8.16
N SER D 80 24.61 0.79 7.04
CA SER D 80 23.66 -0.26 6.70
C SER D 80 24.12 -1.63 7.19
N TRP D 81 23.18 -2.56 7.26
CA TRP D 81 23.52 -3.92 7.71
C TRP D 81 22.43 -4.91 7.34
N VAL D 82 22.84 -6.18 7.32
CA VAL D 82 22.00 -7.34 7.01
C VAL D 82 22.14 -8.28 8.18
N LEU D 83 21.04 -8.60 8.83
CA LEU D 83 21.03 -9.58 9.91
C LEU D 83 20.28 -10.82 9.45
N THR D 84 20.88 -11.99 9.63
CA THR D 84 20.22 -13.25 9.32
C THR D 84 20.22 -14.08 10.60
N GLY D 85 19.10 -14.71 10.91
CA GLY D 85 18.96 -15.42 12.17
C GLY D 85 17.86 -16.47 12.06
N ASP D 86 17.70 -17.21 13.16
CA ASP D 86 16.78 -18.34 13.20
C ASP D 86 16.15 -18.40 14.59
N THR D 87 14.82 -18.35 14.67
CA THR D 87 14.15 -18.30 15.97
C THR D 87 14.16 -19.64 16.71
N THR D 88 14.34 -20.77 16.02
CA THR D 88 14.34 -22.04 16.76
C THR D 88 15.52 -22.15 17.70
N THR D 89 16.64 -21.48 17.39
CA THR D 89 17.77 -21.37 18.33
C THR D 89 18.00 -19.97 18.87
N GLY D 90 17.68 -18.93 18.11
CA GLY D 90 17.96 -17.57 18.52
C GLY D 90 19.24 -16.99 17.97
N ALA D 91 20.03 -17.78 17.23
CA ALA D 91 21.33 -17.31 16.78
C ALA D 91 21.18 -16.41 15.54
N GLY D 92 22.10 -15.46 15.40
CA GLY D 92 22.05 -14.54 14.28
C GLY D 92 23.44 -14.29 13.72
N ARG D 93 23.47 -13.78 12.49
CA ARG D 93 24.71 -13.41 11.82
C ARG D 93 24.52 -12.04 11.18
N LEU D 94 25.40 -11.09 11.52
CA LEU D 94 25.30 -9.72 11.06
C LEU D 94 26.44 -9.40 10.12
N GLU D 95 26.10 -9.11 8.85
CA GLU D 95 27.06 -8.67 7.86
C GLU D 95 26.91 -7.16 7.62
N GLY D 96 27.89 -6.61 6.91
CA GLY D 96 27.83 -5.25 6.43
C GLY D 96 28.60 -4.25 7.28
N LEU D 97 28.97 -4.62 8.50
CA LEU D 97 29.71 -3.71 9.35
C LEU D 97 31.21 -3.98 9.25
N ASP D 98 31.97 -3.01 9.74
CA ASP D 98 33.41 -3.04 9.61
C ASP D 98 34.01 -4.09 10.52
N GLY D 99 35.06 -4.75 10.03
CA GLY D 99 35.65 -5.87 10.72
C GLY D 99 35.17 -7.23 10.26
N GLY D 100 34.26 -7.28 9.30
CA GLY D 100 33.74 -8.53 8.82
C GLY D 100 32.47 -8.90 9.54
N PRO D 101 31.93 -10.06 9.22
CA PRO D 101 30.67 -10.49 9.85
C PRO D 101 30.86 -10.82 11.31
N ARG D 102 29.75 -10.76 12.03
CA ARG D 102 29.69 -11.11 13.44
C ARG D 102 28.57 -12.11 13.65
N ALA D 103 28.85 -13.16 14.43
CA ALA D 103 27.85 -14.17 14.70
C ALA D 103 27.82 -14.44 16.19
N GLY D 104 26.81 -15.18 16.61
CA GLY D 104 26.63 -15.44 18.03
C GLY D 104 25.31 -16.11 18.29
N ALA D 105 25.17 -16.69 19.49
CA ALA D 105 24.05 -17.53 19.85
C ALA D 105 22.78 -16.74 20.13
N ASP D 106 22.87 -15.42 20.25
CA ASP D 106 21.69 -14.58 20.50
C ASP D 106 21.71 -13.43 19.51
N ALA D 107 20.85 -13.52 18.49
CA ALA D 107 20.85 -12.53 17.41
C ALA D 107 20.59 -11.12 17.92
N GLU D 108 19.68 -10.97 18.91
CA GLU D 108 19.41 -9.64 19.43
C GLU D 108 20.64 -9.05 20.09
N GLN D 109 21.43 -9.90 20.73
CA GLN D 109 22.63 -9.40 21.39
C GLN D 109 23.76 -9.15 20.40
N VAL D 110 23.85 -9.97 19.35
CA VAL D 110 24.75 -9.65 18.24
C VAL D 110 24.46 -8.25 17.70
N LEU D 111 23.21 -7.99 17.34
CA LEU D 111 22.85 -6.65 16.85
C LEU D 111 23.22 -5.59 17.88
N LEU D 112 22.83 -5.80 19.15
CA LEU D 112 23.09 -4.79 20.17
C LEU D 112 24.59 -4.47 20.26
N GLU D 113 25.42 -5.51 20.42
CA GLU D 113 26.85 -5.30 20.57
C GLU D 113 27.46 -4.60 19.37
N ALA D 114 26.91 -4.84 18.17
CA ALA D 114 27.48 -4.27 16.95
C ALA D 114 27.00 -2.86 16.66
N THR D 115 25.76 -2.50 17.01
CA THR D 115 25.17 -1.27 16.52
C THR D 115 24.77 -0.30 17.62
N GLY D 116 24.67 -0.75 18.87
CA GLY D 116 23.95 -0.03 19.89
C GLY D 116 22.45 -0.08 19.77
N TRP D 117 21.89 -0.78 18.78
CA TRP D 117 20.45 -0.85 18.63
C TRP D 117 19.87 -2.03 19.40
N THR D 118 18.75 -1.81 20.04
CA THR D 118 17.99 -2.88 20.66
C THR D 118 16.72 -3.07 19.87
N ILE D 119 16.62 -4.23 19.19
CA ILE D 119 15.40 -4.66 18.53
C ILE D 119 15.19 -6.11 18.92
N PRO D 120 14.10 -6.49 19.52
CA PRO D 120 13.90 -7.89 19.91
C PRO D 120 13.69 -8.80 18.70
N VAL D 121 14.76 -9.12 17.96
CA VAL D 121 14.55 -9.70 16.63
C VAL D 121 13.94 -11.10 16.71
N ASN D 122 14.25 -11.89 17.75
CA ASN D 122 13.70 -13.24 17.81
C ASN D 122 12.20 -13.24 18.09
N GLN D 123 11.64 -12.15 18.61
CA GLN D 123 10.20 -12.10 18.88
C GLN D 123 9.40 -11.37 17.81
N MET D 124 10.00 -10.39 17.10
CA MET D 124 9.39 -9.67 15.97
C MET D 124 8.60 -10.51 14.95
N PRO D 125 9.05 -11.69 14.51
CA PRO D 125 8.31 -12.39 13.44
C PRO D 125 6.86 -12.65 13.77
N ASP D 126 6.55 -12.83 15.05
CA ASP D 126 5.19 -12.95 15.57
C ASP D 126 4.59 -11.61 15.99
N TRP D 127 5.32 -10.76 16.71
CA TRP D 127 4.69 -9.54 17.22
C TRP D 127 4.33 -8.60 16.08
N VAL D 128 5.18 -8.52 15.04
CA VAL D 128 4.87 -7.66 13.90
C VAL D 128 3.59 -8.10 13.17
N ARG D 129 3.20 -9.35 13.29
CA ARG D 129 1.89 -9.71 12.75
C ARG D 129 0.79 -9.68 13.79
N ALA D 130 1.04 -9.07 14.96
CA ALA D 130 0.09 -9.06 16.08
C ALA D 130 -0.29 -10.48 16.50
N LEU D 131 0.71 -11.33 16.66
CA LEU D 131 0.52 -12.68 17.18
C LEU D 131 1.37 -12.83 18.44
N ARG D 132 0.83 -13.55 19.42
CA ARG D 132 1.62 -13.91 20.58
C ARG D 132 2.48 -15.13 20.27
N ILE D 133 3.67 -15.17 20.86
CA ILE D 133 4.55 -16.32 20.69
C ILE D 133 4.11 -17.44 21.63
N ALA D 134 4.09 -18.68 21.11
CA ALA D 134 3.74 -19.82 21.95
C ALA D 134 4.84 -20.13 22.96
N ASP D 135 6.09 -20.18 22.51
CA ASP D 135 7.25 -20.60 23.30
C ASP D 135 8.05 -19.40 23.79
N ALA D 136 7.43 -18.57 24.63
CA ALA D 136 8.13 -17.35 25.08
C ALA D 136 7.64 -16.95 26.47
N GLY D 137 6.46 -17.43 26.84
CA GLY D 137 5.99 -17.16 28.20
C GLY D 137 4.60 -16.55 28.23
N ALA D 138 4.08 -16.38 29.44
CA ALA D 138 2.71 -15.83 29.59
C ALA D 138 2.59 -14.53 28.80
N ALA D 139 1.42 -14.31 28.22
CA ALA D 139 1.19 -13.09 27.47
C ALA D 139 -0.20 -12.57 27.78
N ARG D 140 -0.30 -11.26 28.00
CA ARG D 140 -1.58 -10.56 28.10
C ARG D 140 -1.86 -9.84 26.78
N VAL D 141 -3.08 -9.99 26.27
CA VAL D 141 -3.51 -9.28 25.08
C VAL D 141 -4.74 -8.46 25.42
N ASP D 142 -4.73 -7.19 25.05
CA ASP D 142 -5.88 -6.31 25.15
C ASP D 142 -6.37 -6.05 23.74
N LEU D 143 -7.68 -6.14 23.53
CA LEU D 143 -8.29 -6.03 22.22
C LEU D 143 -8.93 -4.66 22.04
N ASP D 144 -8.98 -4.21 20.78
CA ASP D 144 -9.64 -2.98 20.39
C ASP D 144 -11.13 -3.29 20.17
N GLU D 145 -11.91 -2.28 19.75
CA GLU D 145 -13.36 -2.44 19.68
C GLU D 145 -13.81 -3.46 18.64
N HIS D 146 -12.98 -3.75 17.63
CA HIS D 146 -13.27 -4.75 16.59
C HIS D 146 -12.76 -6.14 16.95
N GLY D 147 -12.17 -6.33 18.14
CA GLY D 147 -11.60 -7.61 18.51
C GLY D 147 -10.18 -7.87 18.02
N ARG D 148 -9.55 -6.93 17.40
CA ARG D 148 -8.15 -7.12 17.06
C ARG D 148 -7.27 -6.73 18.24
N PRO D 149 -6.04 -7.27 18.34
CA PRO D 149 -5.14 -6.86 19.42
C PRO D 149 -4.85 -5.36 19.35
N ARG D 150 -4.90 -4.73 20.52
CA ARG D 150 -4.45 -3.37 20.82
C ARG D 150 -3.09 -3.37 21.48
N THR D 151 -2.89 -4.25 22.48
CA THR D 151 -1.66 -4.33 23.23
C THR D 151 -1.32 -5.78 23.52
N VAL D 152 -0.04 -6.11 23.41
CA VAL D 152 0.51 -7.38 23.83
C VAL D 152 1.63 -7.11 24.81
N GLN D 153 1.60 -7.82 25.95
CA GLN D 153 2.67 -7.81 26.94
C GLN D 153 3.28 -9.19 26.96
N GLN D 154 4.59 -9.28 26.72
CA GLN D 154 5.22 -10.59 26.67
C GLN D 154 6.73 -10.40 26.70
N ASP D 155 7.43 -11.26 27.45
CA ASP D 155 8.90 -11.24 27.56
C ASP D 155 9.44 -9.87 27.93
N GLY D 156 8.72 -9.15 28.78
CA GLY D 156 9.14 -7.84 29.19
C GLY D 156 8.72 -6.71 28.29
N TRP D 157 8.27 -7.01 27.07
CA TRP D 157 7.95 -5.99 26.09
C TRP D 157 6.45 -5.69 26.13
N THR D 158 6.11 -4.43 25.92
CA THR D 158 4.74 -3.98 25.69
C THR D 158 4.66 -3.51 24.24
N ILE D 159 3.74 -4.10 23.47
CA ILE D 159 3.65 -3.83 22.02
C ILE D 159 2.27 -3.30 21.72
N ASP D 160 2.22 -2.08 21.17
CA ASP D 160 0.99 -1.38 20.88
C ASP D 160 0.79 -1.36 19.38
N PHE D 161 -0.42 -1.72 18.95
CA PHE D 161 -0.79 -1.76 17.54
C PHE D 161 -1.67 -0.53 17.27
N LEU D 162 -1.04 0.52 16.73
CA LEU D 162 -1.71 1.81 16.65
C LEU D 162 -2.50 2.02 15.37
N GLU D 163 -2.11 1.35 14.28
CA GLU D 163 -2.84 1.45 13.02
C GLU D 163 -2.76 0.15 12.26
N TRP D 164 -3.83 -0.16 11.53
CA TRP D 164 -3.98 -1.41 10.81
C TRP D 164 -3.94 -1.20 9.31
N THR D 165 -3.46 -2.19 8.57
CA THR D 165 -3.44 -2.25 7.11
C THR D 165 -4.75 -2.87 6.62
N PRO D 166 -5.36 -2.35 5.54
CA PRO D 166 -6.63 -2.92 5.08
C PRO D 166 -6.48 -4.39 4.72
N ALA D 167 -7.59 -5.13 4.84
CA ALA D 167 -7.55 -6.52 4.42
C ALA D 167 -7.78 -6.60 2.91
N SER D 168 -7.43 -7.77 2.35
CA SER D 168 -7.86 -8.18 1.01
C SER D 168 -8.14 -9.68 1.04
N ALA D 169 -8.69 -10.21 -0.05
CA ALA D 169 -8.99 -11.63 -0.08
C ALA D 169 -7.76 -12.45 0.22
N ALA D 170 -6.58 -11.97 -0.17
CA ALA D 170 -5.34 -12.72 0.00
C ALA D 170 -4.50 -12.20 1.16
N GLN D 171 -4.94 -11.18 1.87
CA GLN D 171 -4.07 -10.63 2.89
C GLN D 171 -4.92 -10.23 4.09
N PRO D 172 -4.82 -10.93 5.20
CA PRO D 172 -5.65 -10.60 6.36
C PRO D 172 -5.19 -9.28 6.95
N GLU D 173 -6.06 -8.71 7.81
CA GLU D 173 -5.68 -7.54 8.59
C GLU D 173 -4.35 -7.76 9.27
N LEU D 174 -3.44 -6.79 9.07
CA LEU D 174 -2.09 -6.82 9.59
C LEU D 174 -1.70 -5.42 10.07
N PRO D 175 -0.90 -5.32 11.12
CA PRO D 175 -0.54 -3.98 11.64
C PRO D 175 0.10 -3.08 10.60
N ARG D 176 -0.17 -1.77 10.70
CA ARG D 176 0.52 -0.76 9.89
C ARG D 176 1.50 0.08 10.67
N ARG D 177 1.17 0.47 11.91
CA ARG D 177 2.08 1.24 12.76
C ARG D 177 2.14 0.56 14.12
N ILE D 178 3.36 0.31 14.61
CA ILE D 178 3.56 -0.39 15.88
C ILE D 178 4.52 0.45 16.69
N GLU D 179 4.34 0.40 18.02
CA GLU D 179 5.33 0.88 18.96
C GLU D 179 5.52 -0.16 20.04
N ALA D 180 6.77 -0.52 20.30
CA ALA D 180 7.13 -1.52 21.29
C ALA D 180 8.08 -0.89 22.30
N ARG D 181 7.95 -1.27 23.58
CA ARG D 181 8.85 -0.70 24.57
C ARG D 181 9.13 -1.70 25.70
N ASN D 182 10.33 -1.62 26.23
CA ASN D 182 10.75 -2.43 27.36
C ASN D 182 11.77 -1.61 28.13
N GLY D 183 11.44 -1.24 29.36
CA GLY D 183 12.29 -0.27 30.04
C GLY D 183 12.28 0.99 29.20
N ASP D 184 13.45 1.57 28.98
CA ASP D 184 13.56 2.74 28.11
C ASP D 184 13.99 2.37 26.69
N ALA D 185 13.96 1.09 26.34
CA ALA D 185 14.13 0.69 24.95
C ALA D 185 12.80 0.90 24.24
N LYS D 186 12.86 1.49 23.06
CA LYS D 186 11.67 1.85 22.31
C LYS D 186 11.91 1.50 20.86
N VAL D 187 10.87 0.98 20.22
CA VAL D 187 10.88 0.67 18.80
C VAL D 187 9.61 1.24 18.19
N ARG D 188 9.76 1.98 17.10
CA ARG D 188 8.66 2.52 16.35
C ARG D 188 8.77 1.96 14.94
N LEU D 189 7.71 1.29 14.48
CA LEU D 189 7.75 0.61 13.20
C LEU D 189 6.52 1.00 12.40
N LEU D 190 6.76 1.52 11.23
CA LEU D 190 5.73 1.79 10.25
C LEU D 190 5.93 0.77 9.14
N VAL D 191 4.92 -0.07 8.90
CA VAL D 191 5.00 -1.09 7.86
C VAL D 191 4.35 -0.53 6.59
N ASP D 192 5.18 -0.29 5.56
CA ASP D 192 4.68 0.36 4.36
C ASP D 192 4.08 -0.63 3.35
N GLN D 193 4.60 -1.85 3.26
CA GLN D 193 4.12 -2.81 2.26
C GLN D 193 4.36 -4.20 2.82
N TRP D 194 3.29 -4.99 2.90
CA TRP D 194 3.36 -6.41 3.19
C TRP D 194 3.31 -7.20 1.90
N THR D 195 3.93 -8.36 1.92
CA THR D 195 3.95 -9.23 0.76
C THR D 195 3.83 -10.63 1.35
N LEU D 196 2.60 -11.09 1.46
CA LEU D 196 2.32 -12.47 1.83
C LEU D 196 2.33 -13.36 0.59
N SER D 197 2.35 -14.66 0.84
CA SER D 197 2.29 -15.68 -0.20
C SER D 197 0.88 -15.80 -0.78
N PRO D 198 0.75 -16.25 -2.04
CA PRO D 198 -0.57 -16.57 -2.62
C PRO D 198 -1.26 -17.79 -1.98
#